data_8PUO
#
_entry.id   8PUO
#
_cell.length_a   103.116
_cell.length_b   201.120
_cell.length_c   47.825
_cell.angle_alpha   90.00
_cell.angle_beta   90.00
_cell.angle_gamma   90.00
#
_symmetry.space_group_name_H-M   'P 21 21 2'
#
loop_
_entity.id
_entity.type
_entity.pdbx_description
1 polymer Beta-glucosidase
2 non-polymer 1,2-ETHANEDIOL
3 non-polymer 2-AMINO-2-HYDROXYMETHYL-PROPANE-1,3-DIOL
4 water water
#
_entity_poly.entity_id   1
_entity_poly.type   'polypeptide(L)'
_entity_poly.pdbx_seq_one_letter_code
;MSITLPSHSKMLTSDFIFGVATASFQIEGATTADNRLPSIWDTFCATPGKVKGMDNGEVACDHYHLWEQDIQLIKDLGVD
AYRLSIAWPRVMDKKGEANQAGLDFYRNLLKKLKAEGLTVFATLYHWDLPQHLEDKGGWLNRETAYQFKNYADLVTKELS
EWVDSWATFNEPFCAAILGYELGIHAPGLSKPEFGRQAAHHILLAHGLALPVIRKNAPKSQVGIVLNMNRSYAASEKAED
QFACLMRETLDNQFFIEPLMKGQYPQLLKTVAPQYLPTVLPGDMDIISQPIDFLGMNFYTCNHNAYDADDMFKNVKNSQT
VEYTDIGWEIAPQAFTELLVNLHKQYTLPPIYITENGAACADQIIDGEINDEQRVRYLDGHINAVNHAIESGVDIRGYFA
WSLMDNFEWAEGYSKRFGLTYVDYQTQERTIKRSGHAYRTLLNNRKGLEHHHHHH
;
_entity_poly.pdbx_strand_id   A,B
#
loop_
_chem_comp.id
_chem_comp.type
_chem_comp.name
_chem_comp.formula
EDO non-polymer 1,2-ETHANEDIOL 'C2 H6 O2'
TRS non-polymer 2-AMINO-2-HYDROXYMETHYL-PROPANE-1,3-DIOL 'C4 H12 N O3 1'
#
# COMPACT_ATOMS: atom_id res chain seq x y z
N SER A 2 10.08 42.49 -27.92
CA SER A 2 9.50 41.45 -28.76
C SER A 2 10.13 40.08 -28.49
N ILE A 3 9.63 39.07 -29.19
CA ILE A 3 10.14 37.69 -29.12
C ILE A 3 10.57 37.30 -30.52
N THR A 4 11.88 36.98 -30.71
CA THR A 4 12.40 36.68 -32.04
C THR A 4 13.37 35.49 -32.00
N LEU A 5 13.38 34.71 -33.08
CA LEU A 5 14.37 33.66 -33.37
C LEU A 5 15.07 33.90 -34.72
N PRO A 6 16.29 33.39 -34.91
CA PRO A 6 16.92 33.46 -36.25
C PRO A 6 16.07 32.73 -37.28
N SER A 7 15.99 33.30 -38.51
CA SER A 7 15.06 32.74 -39.48
C SER A 7 15.47 31.32 -39.96
N HIS A 8 16.70 30.90 -39.74
CA HIS A 8 17.11 29.53 -40.08
C HIS A 8 17.02 28.57 -38.88
N SER A 9 16.42 28.98 -37.75
CA SER A 9 16.23 28.07 -36.62
C SER A 9 15.31 26.91 -37.00
N LYS A 10 15.70 25.69 -36.56
CA LYS A 10 14.82 24.52 -36.64
C LYS A 10 13.47 24.77 -35.99
N MET A 11 13.41 25.66 -35.00
CA MET A 11 12.16 25.89 -34.28
C MET A 11 11.08 26.53 -35.16
N LEU A 12 11.46 27.20 -36.23
CA LEU A 12 10.51 27.92 -37.07
C LEU A 12 10.03 27.11 -38.28
N THR A 13 10.31 25.81 -38.34
CA THR A 13 9.84 24.92 -39.41
C THR A 13 8.62 24.10 -38.97
N SER A 14 8.05 23.35 -39.90
CA SER A 14 6.93 22.48 -39.55
C SER A 14 7.35 21.26 -38.72
N ASP A 15 8.64 21.05 -38.48
CA ASP A 15 9.09 19.96 -37.62
C ASP A 15 9.02 20.29 -36.13
N PHE A 16 8.50 21.49 -35.79
CA PHE A 16 8.50 21.99 -34.43
C PHE A 16 7.14 22.63 -34.12
N ILE A 17 6.58 22.36 -32.94
CA ILE A 17 5.28 22.95 -32.60
C ILE A 17 5.39 23.89 -31.40
N PHE A 18 4.62 24.98 -31.45
CA PHE A 18 4.48 25.95 -30.38
C PHE A 18 3.07 25.88 -29.82
N GLY A 19 2.93 25.87 -28.49
CA GLY A 19 1.60 25.87 -27.87
C GLY A 19 1.46 26.67 -26.58
N VAL A 20 0.31 26.50 -25.88
CA VAL A 20 0.07 27.03 -24.54
C VAL A 20 -0.60 25.92 -23.72
N ALA A 21 -0.50 26.02 -22.40
CA ALA A 21 -0.91 24.91 -21.49
C ALA A 21 -1.77 25.40 -20.31
N THR A 22 -2.63 24.51 -19.80
CA THR A 22 -3.47 24.74 -18.62
C THR A 22 -3.60 23.42 -17.85
N ALA A 23 -4.36 23.43 -16.73
CA ALA A 23 -4.71 22.22 -15.98
C ALA A 23 -6.14 22.33 -15.41
N SER A 24 -6.81 21.18 -15.19
CA SER A 24 -8.26 21.17 -14.92
C SER A 24 -8.65 21.99 -13.69
N PHE A 25 -8.10 21.67 -12.51
CA PHE A 25 -8.51 22.36 -11.30
C PHE A 25 -8.09 23.84 -11.30
N GLN A 26 -7.06 24.20 -12.09
CA GLN A 26 -6.62 25.60 -12.12
C GLN A 26 -7.55 26.56 -12.89
N ILE A 27 -8.35 26.07 -13.86
CA ILE A 27 -9.18 26.95 -14.71
C ILE A 27 -10.68 26.60 -14.70
N GLU A 28 -11.10 25.37 -14.38
CA GLU A 28 -12.46 24.93 -14.75
C GLU A 28 -13.56 25.52 -13.85
N GLY A 29 -13.33 25.52 -12.51
CA GLY A 29 -14.44 25.91 -11.64
C GLY A 29 -15.52 24.83 -11.66
N ALA A 30 -16.77 25.24 -11.43
CA ALA A 30 -17.89 24.30 -11.48
C ALA A 30 -17.58 23.02 -10.68
N THR A 31 -17.09 23.19 -9.44
CA THR A 31 -16.62 22.00 -8.74
C THR A 31 -17.75 21.10 -8.24
N THR A 32 -19.00 21.56 -8.21
CA THR A 32 -20.08 20.65 -7.83
C THR A 32 -21.03 20.35 -8.97
N ALA A 33 -20.70 20.76 -10.22
CA ALA A 33 -21.61 20.51 -11.33
C ALA A 33 -21.59 19.03 -11.71
N ASP A 34 -22.75 18.53 -12.13
CA ASP A 34 -22.87 17.22 -12.79
C ASP A 34 -22.27 16.08 -11.97
N ASN A 35 -22.48 16.13 -10.65
CA ASN A 35 -22.07 15.08 -9.71
C ASN A 35 -20.56 14.87 -9.70
N ARG A 36 -19.78 15.91 -10.01
CA ARG A 36 -18.33 15.81 -9.83
C ARG A 36 -17.99 15.45 -8.37
N LEU A 37 -17.04 14.50 -8.16
CA LEU A 37 -16.68 14.10 -6.80
C LEU A 37 -15.73 15.13 -6.21
N PRO A 38 -15.72 15.32 -4.89
CA PRO A 38 -14.68 16.17 -4.25
C PRO A 38 -13.27 15.62 -4.43
N SER A 39 -12.29 16.51 -4.64
CA SER A 39 -10.89 16.15 -4.81
C SER A 39 -10.08 16.55 -3.57
N ILE A 40 -8.84 16.05 -3.49
CA ILE A 40 -7.98 16.43 -2.36
C ILE A 40 -7.71 17.93 -2.34
N TRP A 41 -7.75 18.62 -3.51
CA TRP A 41 -7.56 20.06 -3.48
C TRP A 41 -8.80 20.81 -2.99
N ASP A 42 -10.00 20.26 -3.19
CA ASP A 42 -11.17 20.87 -2.53
C ASP A 42 -11.02 20.83 -1.01
N THR A 43 -10.54 19.70 -0.49
CA THR A 43 -10.32 19.56 0.96
C THR A 43 -9.21 20.50 1.44
N PHE A 44 -8.09 20.55 0.71
CA PHE A 44 -6.95 21.38 1.13
C PHE A 44 -7.34 22.85 1.17
N CYS A 45 -8.04 23.36 0.13
CA CYS A 45 -8.47 24.77 0.17
C CYS A 45 -9.36 25.06 1.37
N ALA A 46 -10.19 24.10 1.77
CA ALA A 46 -11.06 24.36 2.91
C ALA A 46 -10.38 24.16 4.27
N THR A 47 -9.08 23.86 4.30
CA THR A 47 -8.37 23.66 5.59
C THR A 47 -7.65 24.94 5.99
N PRO A 48 -7.93 25.53 7.13
CA PRO A 48 -7.34 26.84 7.44
C PRO A 48 -5.82 26.80 7.34
N GLY A 49 -5.26 27.81 6.67
CA GLY A 49 -3.82 27.99 6.62
C GLY A 49 -3.08 27.30 5.48
N LYS A 50 -3.76 26.50 4.66
CA LYS A 50 -3.05 25.71 3.66
C LYS A 50 -2.94 26.42 2.32
N VAL A 51 -3.93 27.25 1.98
CA VAL A 51 -3.98 27.97 0.71
C VAL A 51 -4.14 29.45 1.00
N LYS A 52 -3.42 30.28 0.24
CA LYS A 52 -3.38 31.73 0.44
C LYS A 52 -4.76 32.35 0.62
N GLY A 53 -4.89 33.19 1.65
CA GLY A 53 -6.14 33.95 1.85
C GLY A 53 -7.35 33.04 2.00
N MET A 54 -8.46 33.40 1.35
CA MET A 54 -9.67 32.59 1.27
C MET A 54 -9.86 31.91 -0.08
N ASP A 55 -8.79 31.77 -0.87
CA ASP A 55 -8.91 31.32 -2.23
C ASP A 55 -9.26 29.83 -2.33
N ASN A 56 -10.10 29.50 -3.30
CA ASN A 56 -10.43 28.10 -3.55
C ASN A 56 -10.70 27.96 -5.05
N GLY A 57 -11.05 26.74 -5.46
CA GLY A 57 -11.26 26.40 -6.85
C GLY A 57 -12.69 26.37 -7.32
N GLU A 58 -13.65 26.80 -6.50
CA GLU A 58 -15.07 26.67 -6.84
C GLU A 58 -15.45 27.38 -8.15
N VAL A 59 -14.83 28.55 -8.47
CA VAL A 59 -15.15 29.30 -9.68
C VAL A 59 -13.96 29.38 -10.66
N ALA A 60 -12.78 29.76 -10.17
CA ALA A 60 -11.51 29.85 -10.98
C ALA A 60 -11.83 30.71 -12.20
N CYS A 61 -11.49 30.26 -13.42
CA CYS A 61 -11.79 31.03 -14.62
C CYS A 61 -13.12 30.61 -15.28
N ASP A 62 -13.89 29.75 -14.60
CA ASP A 62 -15.19 29.24 -15.10
C ASP A 62 -15.11 28.66 -16.53
N HIS A 63 -13.99 27.97 -16.82
CA HIS A 63 -13.77 27.36 -18.14
C HIS A 63 -14.79 26.23 -18.44
N TYR A 64 -15.34 25.57 -17.41
CA TYR A 64 -16.40 24.58 -17.64
C TYR A 64 -17.55 25.17 -18.43
N HIS A 65 -17.86 26.45 -18.22
CA HIS A 65 -18.94 27.11 -18.95
C HIS A 65 -18.45 28.00 -20.10
N LEU A 66 -17.21 28.50 -20.04
CA LEU A 66 -16.72 29.45 -21.06
C LEU A 66 -15.79 28.79 -22.09
N TRP A 67 -15.75 27.45 -22.15
CA TRP A 67 -14.79 26.75 -23.02
C TRP A 67 -14.83 27.21 -24.50
N GLU A 68 -15.99 27.56 -25.04
CA GLU A 68 -16.05 27.83 -26.49
C GLU A 68 -15.37 29.16 -26.83
N GLN A 69 -15.61 30.18 -26.01
CA GLN A 69 -14.89 31.43 -26.21
C GLN A 69 -13.40 31.25 -25.89
N ASP A 70 -13.05 30.33 -24.97
CA ASP A 70 -11.61 30.08 -24.73
C ASP A 70 -10.93 29.33 -25.91
N ILE A 71 -11.67 28.52 -26.67
CA ILE A 71 -11.08 27.99 -27.91
C ILE A 71 -10.82 29.11 -28.92
N GLN A 72 -11.77 30.06 -29.05
CA GLN A 72 -11.50 31.20 -29.94
C GLN A 72 -10.26 31.99 -29.47
N LEU A 73 -10.08 32.12 -28.16
CA LEU A 73 -8.87 32.76 -27.63
C LEU A 73 -7.61 31.99 -28.05
N ILE A 74 -7.63 30.64 -27.94
CA ILE A 74 -6.48 29.82 -28.36
C ILE A 74 -6.19 30.05 -29.85
N LYS A 75 -7.25 30.11 -30.66
CA LYS A 75 -7.07 30.42 -32.09
C LYS A 75 -6.42 31.78 -32.30
N ASP A 76 -6.87 32.79 -31.56
CA ASP A 76 -6.38 34.15 -31.75
C ASP A 76 -4.88 34.28 -31.50
N LEU A 77 -4.36 33.48 -30.56
CA LEU A 77 -2.95 33.53 -30.21
C LEU A 77 -2.06 32.91 -31.28
N GLY A 78 -2.63 32.21 -32.26
CA GLY A 78 -1.85 31.66 -33.37
C GLY A 78 -1.10 30.36 -33.11
N VAL A 79 -1.40 29.64 -32.03
CA VAL A 79 -0.57 28.50 -31.65
C VAL A 79 -0.93 27.29 -32.49
N ASP A 80 0.03 26.34 -32.56
CA ASP A 80 -0.16 25.07 -33.26
C ASP A 80 -0.90 24.05 -32.39
N ALA A 81 -0.83 24.20 -31.06
CA ALA A 81 -1.14 23.10 -30.14
C ALA A 81 -1.63 23.63 -28.80
N TYR A 82 -2.40 22.80 -28.11
CA TYR A 82 -2.95 23.15 -26.78
C TYR A 82 -2.79 21.96 -25.84
N ARG A 83 -2.28 22.23 -24.63
CA ARG A 83 -2.09 21.15 -23.62
C ARG A 83 -3.05 21.39 -22.45
N LEU A 84 -3.86 20.38 -22.13
CA LEU A 84 -4.83 20.48 -21.01
C LEU A 84 -4.79 19.20 -20.17
N SER A 85 -5.43 19.23 -18.99
CA SER A 85 -5.57 17.98 -18.24
C SER A 85 -7.04 17.58 -18.12
N ILE A 86 -7.25 16.27 -17.83
CA ILE A 86 -8.57 15.66 -17.63
C ILE A 86 -8.79 15.53 -16.12
N ALA A 87 -10.00 15.85 -15.64
CA ALA A 87 -10.31 15.76 -14.20
C ALA A 87 -10.90 14.39 -13.84
N TRP A 88 -10.09 13.52 -13.25
CA TRP A 88 -10.59 12.24 -12.73
C TRP A 88 -11.87 12.38 -11.89
N PRO A 89 -12.03 13.40 -11.04
CA PRO A 89 -13.30 13.53 -10.26
C PRO A 89 -14.52 13.72 -11.11
N ARG A 90 -14.38 14.24 -12.34
CA ARG A 90 -15.57 14.44 -13.16
C ARG A 90 -16.03 13.20 -13.91
N VAL A 91 -15.14 12.26 -14.23
CA VAL A 91 -15.45 11.27 -15.27
C VAL A 91 -15.86 9.90 -14.72
N MET A 92 -15.84 9.70 -13.41
CA MET A 92 -16.42 8.49 -12.91
C MET A 92 -16.95 8.72 -11.52
N ASP A 93 -17.80 7.79 -11.08
CA ASP A 93 -18.39 7.87 -9.72
C ASP A 93 -17.50 7.12 -8.73
N LYS A 94 -17.97 6.96 -7.49
CA LYS A 94 -17.14 6.33 -6.41
C LYS A 94 -17.00 4.80 -6.61
N LYS A 95 -17.92 4.18 -7.34
CA LYS A 95 -17.85 2.71 -7.58
C LYS A 95 -17.01 2.41 -8.84
N GLY A 96 -16.56 3.44 -9.54
CA GLY A 96 -15.74 3.24 -10.73
C GLY A 96 -16.55 3.33 -12.00
N GLU A 97 -17.84 3.63 -11.92
CA GLU A 97 -18.62 3.65 -13.18
C GLU A 97 -18.53 5.01 -13.91
N ALA A 98 -18.64 5.01 -15.26
CA ALA A 98 -18.44 6.26 -16.02
C ALA A 98 -19.53 7.29 -15.72
N ASN A 99 -19.11 8.55 -15.61
CA ASN A 99 -20.01 9.70 -15.45
C ASN A 99 -20.11 10.34 -16.83
N GLN A 100 -21.22 10.12 -17.52
CA GLN A 100 -21.36 10.56 -18.93
C GLN A 100 -21.42 12.08 -19.09
N ALA A 101 -22.02 12.81 -18.14
CA ALA A 101 -22.03 14.27 -18.23
C ALA A 101 -20.61 14.84 -18.13
N GLY A 102 -19.82 14.31 -17.18
CA GLY A 102 -18.44 14.70 -17.08
C GLY A 102 -17.67 14.38 -18.36
N LEU A 103 -17.88 13.19 -18.92
CA LEU A 103 -17.20 12.87 -20.18
C LEU A 103 -17.65 13.76 -21.33
N ASP A 104 -18.92 14.16 -21.36
CA ASP A 104 -19.40 15.03 -22.44
C ASP A 104 -18.64 16.35 -22.47
N PHE A 105 -18.30 16.90 -21.29
CA PHE A 105 -17.51 18.16 -21.31
C PHE A 105 -16.24 18.00 -22.18
N TYR A 106 -15.51 16.89 -21.97
CA TYR A 106 -14.26 16.67 -22.70
C TYR A 106 -14.53 16.27 -24.15
N ARG A 107 -15.56 15.45 -24.41
CA ARG A 107 -15.93 15.16 -25.81
C ARG A 107 -16.12 16.45 -26.62
N ASN A 108 -16.96 17.37 -26.11
CA ASN A 108 -17.27 18.56 -26.92
C ASN A 108 -16.06 19.48 -27.08
N LEU A 109 -15.30 19.67 -25.99
CA LEU A 109 -14.08 20.48 -26.06
C LEU A 109 -13.07 19.93 -27.07
N LEU A 110 -12.76 18.62 -27.00
CA LEU A 110 -11.75 18.02 -27.89
C LEU A 110 -12.18 18.02 -29.35
N LYS A 111 -13.46 17.71 -29.62
CA LYS A 111 -13.92 17.75 -31.00
C LYS A 111 -13.77 19.15 -31.58
N LYS A 112 -14.11 20.18 -30.79
CA LYS A 112 -14.03 21.55 -31.32
C LYS A 112 -12.58 21.95 -31.58
N LEU A 113 -11.67 21.59 -30.66
CA LEU A 113 -10.25 21.88 -30.87
C LEU A 113 -9.72 21.24 -32.15
N LYS A 114 -10.06 19.94 -32.40
CA LYS A 114 -9.59 19.31 -33.63
C LYS A 114 -10.27 19.91 -34.86
N ALA A 115 -11.53 20.31 -34.76
CA ALA A 115 -12.16 20.94 -35.94
C ALA A 115 -11.50 22.28 -36.28
N GLU A 116 -10.92 22.95 -35.29
CA GLU A 116 -10.18 24.20 -35.51
C GLU A 116 -8.74 23.97 -35.97
N GLY A 117 -8.31 22.70 -36.08
CA GLY A 117 -7.01 22.36 -36.64
C GLY A 117 -5.88 22.28 -35.65
N LEU A 118 -6.16 22.18 -34.37
CA LEU A 118 -5.11 22.22 -33.35
C LEU A 118 -4.58 20.81 -33.05
N THR A 119 -3.28 20.73 -32.69
CA THR A 119 -2.71 19.51 -32.08
C THR A 119 -3.02 19.51 -30.59
N VAL A 120 -3.38 18.34 -30.03
CA VAL A 120 -3.87 18.27 -28.64
C VAL A 120 -2.93 17.37 -27.81
N PHE A 121 -2.41 17.92 -26.69
CA PHE A 121 -1.69 17.17 -25.65
C PHE A 121 -2.63 17.08 -24.45
N ALA A 122 -2.94 15.86 -24.00
CA ALA A 122 -3.76 15.70 -22.80
C ALA A 122 -2.99 14.97 -21.69
N THR A 123 -3.04 15.54 -20.47
CA THR A 123 -2.48 14.97 -19.23
C THR A 123 -3.56 14.25 -18.45
N LEU A 124 -3.31 12.98 -18.07
CA LEU A 124 -4.36 12.26 -17.33
C LEU A 124 -4.40 12.68 -15.85
N TYR A 125 -3.26 12.93 -15.22
CA TYR A 125 -3.25 13.24 -13.78
C TYR A 125 -2.47 14.53 -13.55
N HIS A 126 -3.21 15.59 -13.20
CA HIS A 126 -2.57 16.89 -12.85
C HIS A 126 -2.96 17.28 -11.41
N TRP A 127 -2.93 16.32 -10.46
CA TRP A 127 -3.03 16.58 -8.99
C TRP A 127 -4.44 16.50 -8.38
N ASP A 128 -5.49 16.33 -9.16
CA ASP A 128 -6.88 16.38 -8.60
C ASP A 128 -7.36 14.97 -8.23
N LEU A 129 -6.66 14.32 -7.29
CA LEU A 129 -7.06 12.95 -6.85
C LEU A 129 -8.43 12.99 -6.18
N PRO A 130 -9.35 12.05 -6.50
CA PRO A 130 -10.63 11.99 -5.78
C PRO A 130 -10.42 11.75 -4.28
N GLN A 131 -11.12 12.56 -3.45
CA GLN A 131 -10.92 12.47 -2.00
C GLN A 131 -11.21 11.07 -1.46
N HIS A 132 -12.17 10.35 -2.05
CA HIS A 132 -12.49 9.05 -1.47
C HIS A 132 -11.31 8.08 -1.58
N LEU A 133 -10.41 8.28 -2.55
CA LEU A 133 -9.20 7.47 -2.63
C LEU A 133 -8.17 7.90 -1.59
N GLU A 134 -8.10 9.20 -1.28
CA GLU A 134 -7.22 9.66 -0.18
C GLU A 134 -7.70 9.17 1.19
N ASP A 135 -9.02 8.95 1.35
CA ASP A 135 -9.55 8.42 2.61
C ASP A 135 -9.03 7.01 2.93
N LYS A 136 -8.56 6.26 1.94
CA LYS A 136 -7.99 4.94 2.11
C LYS A 136 -6.47 4.96 2.01
N GLY A 137 -5.84 6.14 2.08
CA GLY A 137 -4.38 6.24 2.08
C GLY A 137 -3.81 6.97 0.89
N GLY A 138 -4.62 7.22 -0.13
CA GLY A 138 -4.13 8.03 -1.26
C GLY A 138 -2.96 7.36 -1.95
N TRP A 139 -1.94 8.15 -2.32
CA TRP A 139 -0.80 7.57 -3.01
C TRP A 139 0.06 6.70 -2.07
N LEU A 140 -0.24 6.65 -0.78
CA LEU A 140 0.45 5.70 0.09
C LEU A 140 -0.16 4.31 0.01
N ASN A 141 -1.37 4.19 -0.55
CA ASN A 141 -2.05 2.91 -0.81
C ASN A 141 -1.68 2.39 -2.19
N ARG A 142 -1.03 1.22 -2.27
CA ARG A 142 -0.59 0.69 -3.58
C ARG A 142 -1.75 0.59 -4.57
N GLU A 143 -2.96 0.29 -4.08
CA GLU A 143 -4.13 0.14 -4.94
C GLU A 143 -4.41 1.37 -5.78
N THR A 144 -4.03 2.58 -5.31
CA THR A 144 -4.30 3.81 -6.07
C THR A 144 -3.67 3.73 -7.48
N ALA A 145 -2.53 3.07 -7.62
CA ALA A 145 -1.91 2.86 -8.93
C ALA A 145 -2.79 2.00 -9.84
N TYR A 146 -3.38 0.92 -9.30
CA TYR A 146 -4.32 0.09 -10.08
C TYR A 146 -5.59 0.85 -10.41
N GLN A 147 -6.07 1.70 -9.46
CA GLN A 147 -7.21 2.55 -9.77
C GLN A 147 -6.86 3.53 -10.90
N PHE A 148 -5.63 4.05 -10.91
CA PHE A 148 -5.24 4.96 -12.00
C PHE A 148 -5.23 4.23 -13.35
N LYS A 149 -4.76 2.96 -13.36
CA LYS A 149 -4.79 2.20 -14.61
C LYS A 149 -6.23 2.09 -15.15
N ASN A 150 -7.20 1.78 -14.26
CA ASN A 150 -8.59 1.67 -14.68
C ASN A 150 -9.11 3.00 -15.23
N TYR A 151 -8.73 4.12 -14.56
CA TYR A 151 -9.13 5.44 -15.04
C TYR A 151 -8.54 5.71 -16.42
N ALA A 152 -7.24 5.38 -16.60
CA ALA A 152 -6.62 5.62 -17.91
C ALA A 152 -7.29 4.76 -18.99
N ASP A 153 -7.72 3.55 -18.62
CA ASP A 153 -8.40 2.66 -19.55
C ASP A 153 -9.70 3.29 -20.02
N LEU A 154 -10.52 3.80 -19.06
CA LEU A 154 -11.81 4.39 -19.41
C LEU A 154 -11.62 5.62 -20.32
N VAL A 155 -10.75 6.55 -19.92
CA VAL A 155 -10.66 7.84 -20.61
C VAL A 155 -10.12 7.64 -22.03
N THR A 156 -9.12 6.78 -22.20
CA THR A 156 -8.54 6.63 -23.53
C THR A 156 -9.50 5.87 -24.47
N LYS A 157 -10.42 5.03 -23.93
CA LYS A 157 -11.42 4.40 -24.80
C LYS A 157 -12.40 5.46 -25.31
N GLU A 158 -12.72 6.46 -24.47
CA GLU A 158 -13.69 7.47 -24.88
C GLU A 158 -13.06 8.55 -25.77
N LEU A 159 -11.79 8.93 -25.56
CA LEU A 159 -11.28 10.15 -26.19
C LEU A 159 -10.19 9.86 -27.24
N SER A 160 -10.02 8.59 -27.63
CA SER A 160 -8.89 8.17 -28.46
C SER A 160 -8.85 8.88 -29.83
N GLU A 161 -10.00 9.24 -30.39
CA GLU A 161 -10.03 9.84 -31.72
C GLU A 161 -9.55 11.28 -31.78
N TRP A 162 -9.45 11.96 -30.63
CA TRP A 162 -9.19 13.40 -30.66
C TRP A 162 -7.92 13.86 -29.95
N VAL A 163 -7.04 12.95 -29.51
CA VAL A 163 -5.86 13.33 -28.73
C VAL A 163 -4.60 12.83 -29.45
N ASP A 164 -3.64 13.74 -29.70
CA ASP A 164 -2.42 13.37 -30.42
C ASP A 164 -1.31 12.84 -29.50
N SER A 165 -1.25 13.31 -28.26
CA SER A 165 -0.18 12.98 -27.30
C SER A 165 -0.76 12.87 -25.90
N TRP A 166 -0.51 11.73 -25.24
CA TRP A 166 -1.00 11.43 -23.88
C TRP A 166 0.18 11.47 -22.93
N ALA A 167 0.01 12.18 -21.81
CA ALA A 167 0.94 12.07 -20.68
C ALA A 167 0.24 11.46 -19.49
N THR A 168 0.85 10.45 -18.87
CA THR A 168 0.24 9.85 -17.69
C THR A 168 0.17 10.87 -16.55
N PHE A 169 1.32 11.46 -16.19
CA PHE A 169 1.42 12.33 -15.02
C PHE A 169 2.08 13.65 -15.38
N ASN A 170 1.67 14.71 -14.67
CA ASN A 170 2.41 15.99 -14.63
C ASN A 170 3.13 16.14 -13.27
N GLU A 171 4.47 16.25 -13.29
CA GLU A 171 5.29 16.64 -12.14
C GLU A 171 5.10 15.74 -10.92
N PRO A 172 5.50 14.46 -11.02
CA PRO A 172 5.47 13.57 -9.84
C PRO A 172 6.21 14.15 -8.64
N PHE A 173 7.26 14.98 -8.85
CA PHE A 173 7.92 15.62 -7.72
C PHE A 173 6.91 16.41 -6.88
N CYS A 174 6.05 17.20 -7.52
CA CYS A 174 5.13 18.00 -6.72
C CYS A 174 4.11 17.13 -5.98
N ALA A 175 3.47 16.21 -6.73
CA ALA A 175 2.39 15.41 -6.14
C ALA A 175 2.91 14.55 -4.98
N ALA A 176 4.12 14.00 -5.13
CA ALA A 176 4.65 13.12 -4.09
C ALA A 176 5.40 13.89 -3.00
N ILE A 177 6.37 14.76 -3.35
CA ILE A 177 7.23 15.40 -2.36
C ILE A 177 6.55 16.62 -1.72
N LEU A 178 5.97 17.54 -2.54
CA LEU A 178 5.30 18.66 -1.88
C LEU A 178 4.02 18.19 -1.18
N GLY A 179 3.35 17.14 -1.70
CA GLY A 179 2.11 16.66 -1.11
C GLY A 179 2.22 15.75 0.11
N TYR A 180 3.31 14.96 0.24
CA TYR A 180 3.41 13.97 1.34
C TYR A 180 4.69 14.06 2.17
N GLU A 181 5.74 14.75 1.70
CA GLU A 181 7.02 14.92 2.39
C GLU A 181 7.19 16.31 3.02
N LEU A 182 6.76 17.38 2.34
CA LEU A 182 6.93 18.73 2.87
C LEU A 182 5.63 19.41 3.33
N GLY A 183 4.46 18.84 3.02
CA GLY A 183 3.22 19.42 3.51
C GLY A 183 2.77 20.69 2.83
N ILE A 184 3.33 21.04 1.66
CA ILE A 184 2.99 22.29 0.95
C ILE A 184 1.77 22.15 0.02
N HIS A 185 1.57 20.98 -0.58
CA HIS A 185 0.49 20.72 -1.53
C HIS A 185 -0.45 19.67 -0.93
N ALA A 186 -1.62 19.50 -1.54
CA ALA A 186 -2.57 18.50 -1.06
C ALA A 186 -2.00 17.07 -1.26
N PRO A 187 -2.32 16.14 -0.34
CA PRO A 187 -3.21 16.27 0.83
C PRO A 187 -2.53 16.96 2.01
N GLY A 188 -1.20 17.08 2.02
CA GLY A 188 -0.50 17.86 3.03
C GLY A 188 0.21 17.09 4.16
N LEU A 189 0.59 15.83 3.95
CA LEU A 189 1.43 15.13 4.95
C LEU A 189 2.89 15.59 4.82
N SER A 190 3.71 15.31 5.86
CA SER A 190 5.09 15.81 5.76
C SER A 190 6.13 14.90 6.42
N LYS A 191 6.40 13.72 5.81
CA LYS A 191 7.54 12.84 6.19
C LYS A 191 8.15 12.24 4.93
N PRO A 192 9.47 12.06 4.90
CA PRO A 192 10.07 11.40 3.71
C PRO A 192 9.59 9.98 3.53
N GLU A 193 9.39 9.24 4.63
CA GLU A 193 8.87 7.88 4.49
C GLU A 193 7.55 7.87 3.74
N PHE A 194 6.77 8.95 3.82
CA PHE A 194 5.52 9.05 3.07
C PHE A 194 5.78 9.55 1.63
N GLY A 195 6.49 10.68 1.48
CA GLY A 195 6.72 11.23 0.14
C GLY A 195 7.41 10.29 -0.85
N ARG A 196 8.41 9.51 -0.38
CA ARG A 196 9.16 8.67 -1.29
C ARG A 196 8.41 7.39 -1.66
N GLN A 197 7.54 6.88 -0.76
CA GLN A 197 6.66 5.76 -1.13
C GLN A 197 5.56 6.23 -2.08
N ALA A 198 5.01 7.44 -1.85
CA ALA A 198 4.05 8.03 -2.79
C ALA A 198 4.66 8.17 -4.20
N ALA A 199 5.93 8.60 -4.27
CA ALA A 199 6.62 8.71 -5.57
C ALA A 199 6.74 7.35 -6.26
N HIS A 200 7.12 6.30 -5.50
CA HIS A 200 7.19 4.96 -6.10
C HIS A 200 5.83 4.50 -6.66
N HIS A 201 4.75 4.71 -5.90
CA HIS A 201 3.41 4.32 -6.38
C HIS A 201 2.93 5.13 -7.59
N ILE A 202 3.34 6.39 -7.71
CA ILE A 202 3.01 7.17 -8.92
C ILE A 202 3.77 6.65 -10.14
N LEU A 203 5.08 6.37 -10.00
CA LEU A 203 5.84 5.79 -11.13
C LEU A 203 5.30 4.41 -11.50
N LEU A 204 4.94 3.59 -10.49
CA LEU A 204 4.20 2.34 -10.75
C LEU A 204 2.91 2.55 -11.55
N ALA A 205 2.08 3.53 -11.14
CA ALA A 205 0.84 3.83 -11.85
C ALA A 205 1.09 4.21 -13.31
N HIS A 206 2.09 5.05 -13.54
CA HIS A 206 2.51 5.37 -14.92
C HIS A 206 2.77 4.09 -15.73
N GLY A 207 3.60 3.19 -15.19
CA GLY A 207 3.94 1.97 -15.90
C GLY A 207 2.76 1.04 -16.12
N LEU A 208 1.87 0.94 -15.13
CA LEU A 208 0.70 0.09 -15.28
C LEU A 208 -0.24 0.61 -16.38
N ALA A 209 -0.34 1.93 -16.53
CA ALA A 209 -1.24 2.48 -17.56
C ALA A 209 -0.63 2.44 -18.95
N LEU A 210 0.70 2.47 -19.08
CA LEU A 210 1.27 2.58 -20.42
C LEU A 210 0.70 1.58 -21.44
N PRO A 211 0.71 0.26 -21.19
CA PRO A 211 0.20 -0.69 -22.21
C PRO A 211 -1.27 -0.52 -22.56
N VAL A 212 -2.10 -0.09 -21.60
CA VAL A 212 -3.52 0.17 -21.81
C VAL A 212 -3.70 1.36 -22.74
N ILE A 213 -2.91 2.43 -22.53
CA ILE A 213 -3.01 3.61 -23.40
C ILE A 213 -2.57 3.27 -24.82
N ARG A 214 -1.45 2.54 -24.96
CA ARG A 214 -1.02 2.13 -26.30
C ARG A 214 -2.05 1.24 -27.01
N LYS A 215 -2.66 0.29 -26.30
CA LYS A 215 -3.72 -0.53 -26.91
C LYS A 215 -4.93 0.29 -27.37
N ASN A 216 -5.41 1.19 -26.50
CA ASN A 216 -6.66 1.92 -26.75
C ASN A 216 -6.50 3.04 -27.76
N ALA A 217 -5.29 3.58 -27.91
CA ALA A 217 -5.03 4.77 -28.73
C ALA A 217 -3.77 4.57 -29.59
N PRO A 218 -3.82 3.61 -30.53
CA PRO A 218 -2.60 3.22 -31.26
C PRO A 218 -2.02 4.29 -32.17
N LYS A 219 -2.80 5.30 -32.53
CA LYS A 219 -2.32 6.39 -33.36
C LYS A 219 -1.65 7.52 -32.57
N SER A 220 -1.64 7.46 -31.22
CA SER A 220 -1.08 8.54 -30.40
C SER A 220 0.36 8.25 -29.99
N GLN A 221 1.05 9.27 -29.45
CA GLN A 221 2.30 9.16 -28.69
C GLN A 221 2.03 9.20 -27.19
N VAL A 222 2.84 8.48 -26.41
CA VAL A 222 2.60 8.35 -24.96
C VAL A 222 3.89 8.60 -24.18
N GLY A 223 3.78 9.38 -23.09
CA GLY A 223 4.95 9.72 -22.29
C GLY A 223 4.57 10.20 -20.90
N ILE A 224 5.49 10.95 -20.25
CA ILE A 224 5.30 11.49 -18.90
C ILE A 224 5.98 12.85 -18.84
N VAL A 225 5.53 13.70 -17.91
CA VAL A 225 6.01 15.08 -17.80
C VAL A 225 6.71 15.26 -16.45
N LEU A 226 7.96 15.72 -16.48
CA LEU A 226 8.74 15.93 -15.25
C LEU A 226 9.10 17.41 -15.09
N ASN A 227 9.14 17.93 -13.85
CA ASN A 227 9.67 19.27 -13.67
C ASN A 227 11.13 19.18 -13.23
N MET A 228 11.96 20.01 -13.83
CA MET A 228 13.38 19.97 -13.49
C MET A 228 13.90 21.40 -13.49
N ASN A 229 14.44 21.83 -12.37
CA ASN A 229 15.14 23.10 -12.34
C ASN A 229 16.62 22.80 -12.20
N ARG A 230 17.48 23.79 -12.51
CA ARG A 230 18.93 23.64 -12.46
C ARG A 230 19.45 23.96 -11.06
N SER A 231 20.26 23.06 -10.47
CA SER A 231 20.83 23.28 -9.14
C SER A 231 22.30 23.69 -9.23
N TYR A 232 22.67 24.69 -8.43
CA TYR A 232 24.05 25.15 -8.31
C TYR A 232 24.51 25.05 -6.86
N ALA A 233 25.84 24.99 -6.70
CA ALA A 233 26.51 25.13 -5.40
C ALA A 233 26.61 26.61 -5.02
N ALA A 234 26.41 26.90 -3.72
CA ALA A 234 26.50 28.29 -3.29
C ALA A 234 27.91 28.88 -3.41
N SER A 235 28.95 28.05 -3.41
CA SER A 235 30.34 28.49 -3.51
C SER A 235 31.17 27.35 -4.11
N GLU A 236 32.49 27.59 -4.22
CA GLU A 236 33.44 26.57 -4.68
C GLU A 236 33.78 25.52 -3.62
N LYS A 237 33.50 25.80 -2.35
CA LYS A 237 33.81 24.84 -1.27
C LYS A 237 33.22 23.46 -1.54
N ALA A 238 33.98 22.42 -1.15
CA ALA A 238 33.50 21.04 -1.31
C ALA A 238 32.16 20.77 -0.60
N GLU A 239 31.95 21.35 0.61
CA GLU A 239 30.69 21.05 1.32
C GLU A 239 29.46 21.60 0.57
N ASP A 240 29.65 22.70 -0.18
CA ASP A 240 28.59 23.24 -1.00
C ASP A 240 28.45 22.45 -2.32
N GLN A 241 29.54 21.88 -2.86
CA GLN A 241 29.37 20.89 -3.94
C GLN A 241 28.54 19.69 -3.49
N PHE A 242 28.76 19.22 -2.25
CA PHE A 242 27.94 18.11 -1.70
C PHE A 242 26.45 18.52 -1.59
N ALA A 243 26.18 19.71 -1.05
CA ALA A 243 24.80 20.21 -0.95
C ALA A 243 24.09 20.21 -2.31
N CYS A 244 24.80 20.72 -3.33
CA CYS A 244 24.25 20.74 -4.68
C CYS A 244 23.94 19.33 -5.18
N LEU A 245 24.90 18.41 -4.99
CA LEU A 245 24.71 17.04 -5.47
C LEU A 245 23.48 16.41 -4.82
N MET A 246 23.31 16.63 -3.51
CA MET A 246 22.17 16.03 -2.82
C MET A 246 20.85 16.63 -3.29
N ARG A 247 20.79 17.96 -3.51
CA ARG A 247 19.57 18.59 -3.99
C ARG A 247 19.17 18.00 -5.33
N GLU A 248 20.14 17.89 -6.25
CA GLU A 248 19.81 17.41 -7.59
C GLU A 248 19.45 15.93 -7.60
N THR A 249 20.06 15.14 -6.69
CA THR A 249 19.70 13.72 -6.58
C THR A 249 18.28 13.55 -6.05
N LEU A 250 17.90 14.30 -5.01
CA LEU A 250 16.55 14.11 -4.45
C LEU A 250 15.45 14.79 -5.27
N ASP A 251 15.76 15.86 -6.02
CA ASP A 251 14.71 16.54 -6.79
C ASP A 251 14.53 16.00 -8.21
N ASN A 252 15.65 15.77 -8.93
CA ASN A 252 15.62 15.38 -10.34
C ASN A 252 15.96 13.92 -10.60
N GLN A 253 17.14 13.44 -10.16
CA GLN A 253 17.59 12.08 -10.47
C GLN A 253 16.63 11.02 -9.93
N PHE A 254 15.98 11.32 -8.79
CA PHE A 254 15.08 10.37 -8.14
C PHE A 254 13.96 9.93 -9.06
N PHE A 255 13.58 10.78 -10.02
CA PHE A 255 12.47 10.50 -10.94
C PHE A 255 12.93 10.04 -12.33
N ILE A 256 13.94 10.65 -12.94
CA ILE A 256 14.39 10.20 -14.25
C ILE A 256 15.19 8.89 -14.21
N GLU A 257 15.96 8.61 -13.12
CA GLU A 257 16.72 7.36 -13.11
C GLU A 257 15.84 6.10 -13.06
N PRO A 258 14.78 6.02 -12.24
CA PRO A 258 13.86 4.84 -12.35
C PRO A 258 13.23 4.67 -13.73
N LEU A 259 12.84 5.77 -14.41
CA LEU A 259 12.22 5.66 -15.74
C LEU A 259 13.20 5.16 -16.79
N MET A 260 14.45 5.64 -16.75
CA MET A 260 15.38 5.30 -17.81
C MET A 260 16.22 4.05 -17.53
N LYS A 261 16.50 3.74 -16.25
CA LYS A 261 17.47 2.71 -15.89
C LYS A 261 16.87 1.61 -14.99
N GLY A 262 15.64 1.77 -14.51
CA GLY A 262 15.08 0.73 -13.68
C GLY A 262 15.66 0.66 -12.29
N GLN A 263 16.18 1.77 -11.76
CA GLN A 263 16.72 1.80 -10.38
C GLN A 263 16.60 3.22 -9.82
N TYR A 264 16.55 3.32 -8.46
CA TYR A 264 16.64 4.60 -7.76
C TYR A 264 18.10 4.97 -7.49
N PRO A 265 18.38 6.23 -7.18
CA PRO A 265 19.79 6.64 -7.02
C PRO A 265 20.50 5.82 -5.95
N GLN A 266 21.62 5.18 -6.34
CA GLN A 266 22.33 4.24 -5.46
C GLN A 266 23.12 4.93 -4.35
N LEU A 267 23.57 6.19 -4.55
CA LEU A 267 24.27 6.84 -3.45
C LEU A 267 23.36 6.99 -2.21
N LEU A 268 22.04 6.98 -2.37
CA LEU A 268 21.20 7.10 -1.18
C LEU A 268 21.36 5.92 -0.23
N LYS A 269 21.82 4.76 -0.70
CA LYS A 269 21.96 3.63 0.24
C LYS A 269 22.98 3.97 1.31
N THR A 270 24.01 4.75 0.98
CA THR A 270 24.96 5.08 2.03
C THR A 270 24.74 6.46 2.63
N VAL A 271 24.29 7.46 1.86
CA VAL A 271 24.14 8.82 2.39
C VAL A 271 22.89 8.96 3.25
N ALA A 272 21.76 8.45 2.75
CA ALA A 272 20.49 8.73 3.41
C ALA A 272 19.44 7.68 3.04
N PRO A 273 19.57 6.47 3.58
CA PRO A 273 18.66 5.38 3.18
C PRO A 273 17.21 5.57 3.57
N GLN A 274 16.87 6.52 4.43
CA GLN A 274 15.48 6.79 4.71
C GLN A 274 14.73 7.41 3.52
N TYR A 275 15.43 7.82 2.46
CA TYR A 275 14.76 8.34 1.26
C TYR A 275 14.51 7.28 0.20
N LEU A 276 14.81 6.00 0.46
CA LEU A 276 14.52 4.98 -0.54
C LEU A 276 13.17 4.28 -0.29
N PRO A 277 12.36 3.99 -1.31
CA PRO A 277 11.04 3.38 -1.09
C PRO A 277 11.14 1.86 -0.94
N THR A 278 10.06 1.25 -0.44
CA THR A 278 9.92 -0.20 -0.45
C THR A 278 9.42 -0.65 -1.83
N VAL A 279 10.20 -1.48 -2.49
CA VAL A 279 10.03 -1.87 -3.90
C VAL A 279 9.74 -3.37 -3.98
N LEU A 280 8.61 -3.74 -4.58
CA LEU A 280 8.29 -5.18 -4.67
C LEU A 280 9.01 -5.80 -5.89
N PRO A 281 9.25 -7.12 -5.87
CA PRO A 281 9.84 -7.78 -7.06
C PRO A 281 9.01 -7.54 -8.30
N GLY A 282 9.67 -7.13 -9.42
CA GLY A 282 8.96 -6.81 -10.64
C GLY A 282 8.56 -5.34 -10.85
N ASP A 283 8.53 -4.53 -9.79
CA ASP A 283 8.05 -3.14 -9.92
C ASP A 283 8.92 -2.34 -10.88
N MET A 284 10.25 -2.51 -10.81
CA MET A 284 11.09 -1.65 -11.66
C MET A 284 10.96 -1.99 -13.14
N ASP A 285 10.72 -3.27 -13.46
CA ASP A 285 10.42 -3.62 -14.86
C ASP A 285 9.15 -2.95 -15.39
N ILE A 286 8.13 -2.79 -14.53
CA ILE A 286 6.92 -2.08 -14.94
C ILE A 286 7.20 -0.58 -15.12
N ILE A 287 7.98 0.02 -14.20
CA ILE A 287 8.24 1.48 -14.23
C ILE A 287 9.08 1.90 -15.46
N SER A 288 10.00 1.05 -15.92
CA SER A 288 10.98 1.48 -16.92
C SER A 288 10.60 1.05 -18.33
N GLN A 289 9.32 0.78 -18.60
CA GLN A 289 8.95 0.44 -19.96
C GLN A 289 9.19 1.65 -20.88
N PRO A 290 9.41 1.41 -22.18
CA PRO A 290 9.74 2.53 -23.09
C PRO A 290 8.64 3.57 -23.20
N ILE A 291 9.05 4.86 -23.27
CA ILE A 291 8.11 5.95 -23.54
C ILE A 291 8.51 6.66 -24.84
N ASP A 292 7.54 7.30 -25.48
CA ASP A 292 7.75 7.93 -26.80
C ASP A 292 8.36 9.34 -26.71
N PHE A 293 8.09 10.05 -25.62
CA PHE A 293 8.61 11.39 -25.41
C PHE A 293 8.72 11.66 -23.91
N LEU A 294 9.59 12.61 -23.55
CA LEU A 294 9.68 13.14 -22.21
C LEU A 294 9.28 14.62 -22.22
N GLY A 295 8.29 14.98 -21.40
CA GLY A 295 7.93 16.39 -21.21
C GLY A 295 8.79 16.96 -20.08
N MET A 296 9.29 18.16 -20.32
CA MET A 296 10.10 18.88 -19.35
CA MET A 296 10.12 18.90 -19.37
C MET A 296 9.46 20.24 -19.05
N ASN A 297 9.21 20.48 -17.77
CA ASN A 297 8.76 21.77 -17.26
C ASN A 297 9.96 22.42 -16.57
N PHE A 298 10.35 23.61 -17.04
CA PHE A 298 11.50 24.33 -16.50
C PHE A 298 11.09 25.77 -16.21
N TYR A 299 11.54 26.34 -15.04
CA TYR A 299 11.29 27.74 -14.68
C TYR A 299 12.53 28.49 -14.21
N THR A 300 13.44 27.84 -13.47
CA THR A 300 14.42 28.64 -12.72
C THR A 300 15.60 27.77 -12.27
N CYS A 301 16.53 28.36 -11.50
CA CYS A 301 17.64 27.65 -10.89
C CYS A 301 17.54 27.81 -9.37
N ASN A 302 18.33 27.02 -8.63
CA ASN A 302 18.47 27.22 -7.19
C ASN A 302 19.94 27.11 -6.78
N HIS A 303 20.24 27.64 -5.59
CA HIS A 303 21.60 27.69 -5.07
C HIS A 303 21.56 27.02 -3.70
N ASN A 304 22.61 26.22 -3.40
CA ASN A 304 22.56 25.27 -2.28
C ASN A 304 23.81 25.35 -1.42
N ALA A 305 23.62 25.63 -0.12
CA ALA A 305 24.70 25.67 0.85
C ALA A 305 24.60 24.45 1.77
N TYR A 306 25.75 23.98 2.25
CA TYR A 306 25.76 22.83 3.16
C TYR A 306 24.95 23.11 4.41
N ASP A 307 24.23 22.07 4.89
CA ASP A 307 23.48 22.18 6.14
C ASP A 307 23.67 20.93 6.98
N ALA A 308 24.01 21.09 8.26
CA ALA A 308 24.35 19.94 9.08
C ALA A 308 23.17 19.01 9.33
N ASP A 309 21.95 19.56 9.45
CA ASP A 309 20.77 18.75 9.71
C ASP A 309 20.07 18.23 8.45
N ASP A 310 20.01 19.03 7.36
CA ASP A 310 19.24 18.69 6.17
C ASP A 310 20.11 18.41 4.94
N MET A 311 21.44 18.37 5.09
CA MET A 311 22.39 18.23 3.97
C MET A 311 22.53 19.47 3.11
N PHE A 312 21.42 20.04 2.66
CA PHE A 312 21.43 21.27 1.87
C PHE A 312 20.45 22.27 2.45
N LYS A 313 20.73 23.55 2.19
CA LYS A 313 19.86 24.67 2.51
C LYS A 313 19.77 25.53 1.26
N ASN A 314 18.52 25.84 0.83
CA ASN A 314 18.21 26.71 -0.31
C ASN A 314 18.55 28.15 0.03
N VAL A 315 19.43 28.80 -0.75
CA VAL A 315 19.86 30.17 -0.49
C VAL A 315 19.78 31.01 -1.77
N LYS A 316 19.83 32.33 -1.60
CA LYS A 316 19.77 33.24 -2.72
C LYS A 316 21.14 33.36 -3.41
N ASN A 317 21.11 33.58 -4.72
CA ASN A 317 22.31 33.87 -5.49
C ASN A 317 23.10 34.97 -4.78
N SER A 318 24.41 34.76 -4.69
CA SER A 318 25.22 35.80 -4.03
C SER A 318 25.42 37.02 -4.93
N GLN A 319 25.22 36.87 -6.25
CA GLN A 319 25.27 37.97 -7.20
C GLN A 319 23.89 38.56 -7.49
N THR A 320 23.89 39.82 -7.97
CA THR A 320 22.67 40.57 -8.21
C THR A 320 21.98 40.08 -9.48
N VAL A 321 20.74 39.61 -9.35
CA VAL A 321 19.98 39.01 -10.46
C VAL A 321 18.52 39.45 -10.33
N GLU A 322 17.75 39.25 -11.40
CA GLU A 322 16.35 39.61 -11.43
C GLU A 322 15.44 38.45 -11.00
N TYR A 323 14.36 38.78 -10.28
CA TYR A 323 13.40 37.79 -9.79
C TYR A 323 12.00 38.09 -10.32
N THR A 324 11.20 37.04 -10.57
CA THR A 324 9.77 37.16 -10.90
C THR A 324 8.93 37.48 -9.64
N ASP A 325 7.60 37.69 -9.82
CA ASP A 325 6.76 38.08 -8.67
C ASP A 325 6.58 36.95 -7.64
N ILE A 326 6.81 35.68 -8.01
CA ILE A 326 6.77 34.56 -7.06
C ILE A 326 8.13 34.32 -6.40
N GLY A 327 9.16 35.08 -6.78
CA GLY A 327 10.47 34.96 -6.13
C GLY A 327 11.46 34.03 -6.83
N TRP A 328 11.28 33.73 -8.11
CA TRP A 328 12.15 32.79 -8.80
C TRP A 328 13.12 33.56 -9.71
N GLU A 329 14.42 33.22 -9.62
CA GLU A 329 15.47 33.81 -10.44
C GLU A 329 15.18 33.62 -11.93
N ILE A 330 15.39 34.68 -12.71
CA ILE A 330 15.33 34.63 -14.18
C ILE A 330 16.72 34.25 -14.69
N ALA A 331 16.87 33.04 -15.27
CA ALA A 331 18.19 32.50 -15.65
C ALA A 331 18.11 31.60 -16.89
N PRO A 332 17.92 32.19 -18.09
CA PRO A 332 17.81 31.34 -19.32
C PRO A 332 19.07 30.51 -19.66
N GLN A 333 20.27 31.03 -19.30
CA GLN A 333 21.48 30.26 -19.52
C GLN A 333 21.42 28.94 -18.74
N ALA A 334 20.83 28.95 -17.54
CA ALA A 334 20.67 27.70 -16.80
C ALA A 334 19.74 26.69 -17.51
N PHE A 335 18.74 27.17 -18.29
CA PHE A 335 17.88 26.28 -19.08
C PHE A 335 18.69 25.48 -20.11
N THR A 336 19.51 26.19 -20.89
CA THR A 336 20.38 25.46 -21.83
C THR A 336 21.29 24.46 -21.11
N GLU A 337 21.92 24.89 -20.00
CA GLU A 337 22.81 23.96 -19.29
C GLU A 337 22.07 22.70 -18.83
N LEU A 338 20.86 22.85 -18.27
CA LEU A 338 20.11 21.69 -17.78
C LEU A 338 19.85 20.69 -18.90
N LEU A 339 19.42 21.20 -20.07
CA LEU A 339 19.08 20.33 -21.19
C LEU A 339 20.32 19.59 -21.69
N VAL A 340 21.41 20.32 -21.90
CA VAL A 340 22.63 19.66 -22.40
C VAL A 340 23.16 18.62 -21.39
N ASN A 341 23.15 18.96 -20.11
CA ASN A 341 23.71 18.00 -19.14
C ASN A 341 22.84 16.73 -19.07
N LEU A 342 21.52 16.88 -19.12
CA LEU A 342 20.70 15.66 -19.07
C LEU A 342 20.91 14.81 -20.32
N HIS A 343 21.07 15.47 -21.47
CA HIS A 343 21.37 14.80 -22.74
C HIS A 343 22.67 14.00 -22.66
N LYS A 344 23.69 14.54 -21.96
CA LYS A 344 24.93 13.78 -21.79
C LYS A 344 24.82 12.65 -20.77
N GLN A 345 23.83 12.69 -19.87
CA GLN A 345 23.74 11.66 -18.83
C GLN A 345 22.94 10.42 -19.21
N TYR A 346 21.94 10.59 -20.08
CA TYR A 346 20.97 9.55 -20.39
C TYR A 346 20.81 9.48 -21.90
N THR A 347 20.37 8.30 -22.37
CA THR A 347 19.91 8.14 -23.76
C THR A 347 18.42 8.49 -23.76
N LEU A 348 18.10 9.69 -24.13
CA LEU A 348 16.74 10.19 -23.87
C LEU A 348 15.81 9.97 -25.06
N PRO A 349 14.49 9.86 -24.85
CA PRO A 349 13.57 10.02 -25.97
C PRO A 349 13.50 11.48 -26.37
N PRO A 350 12.83 11.78 -27.48
CA PRO A 350 12.58 13.18 -27.86
C PRO A 350 11.92 13.96 -26.72
N ILE A 351 12.28 15.24 -26.59
CA ILE A 351 11.79 16.11 -25.51
C ILE A 351 10.79 17.11 -26.06
N TYR A 352 9.72 17.36 -25.29
CA TYR A 352 8.89 18.55 -25.49
C TYR A 352 8.96 19.42 -24.24
N ILE A 353 9.15 20.73 -24.42
CA ILE A 353 9.05 21.64 -23.26
C ILE A 353 7.57 21.85 -23.00
N THR A 354 7.02 21.16 -21.98
CA THR A 354 5.57 21.20 -21.78
C THR A 354 5.11 22.33 -20.85
N GLU A 355 6.03 23.06 -20.18
CA GLU A 355 5.71 24.28 -19.44
C GLU A 355 6.97 25.13 -19.32
N ASN A 356 6.80 26.45 -19.54
CA ASN A 356 7.80 27.48 -19.27
C ASN A 356 7.05 28.80 -19.25
N GLY A 357 7.33 29.67 -18.26
CA GLY A 357 6.60 30.92 -18.08
C GLY A 357 7.05 31.67 -16.82
N ALA A 358 6.35 32.80 -16.53
CA ALA A 358 6.72 33.71 -15.43
C ALA A 358 5.49 34.29 -14.74
N ALA A 359 5.55 34.42 -13.41
CA ALA A 359 4.52 35.14 -12.67
C ALA A 359 4.93 36.60 -12.55
N CYS A 360 4.02 37.53 -12.89
CA CYS A 360 4.33 38.98 -12.83
C CYS A 360 3.21 39.75 -12.10
N ALA A 361 3.56 40.91 -11.55
CA ALA A 361 2.59 41.78 -10.86
C ALA A 361 1.77 42.55 -11.89
N ASP A 362 0.96 41.80 -12.64
CA ASP A 362 0.25 42.40 -13.77
C ASP A 362 -0.93 43.29 -13.33
N GLN A 363 -1.09 44.42 -14.01
CA GLN A 363 -2.18 45.35 -13.82
C GLN A 363 -2.75 45.74 -15.17
N ILE A 364 -4.06 45.90 -15.22
CA ILE A 364 -4.75 46.34 -16.42
C ILE A 364 -4.87 47.87 -16.35
N ILE A 365 -4.21 48.56 -17.28
CA ILE A 365 -4.12 50.02 -17.26
C ILE A 365 -4.41 50.51 -18.67
N ASP A 366 -5.47 51.31 -18.82
CA ASP A 366 -5.84 51.84 -20.14
C ASP A 366 -6.27 50.73 -21.09
N GLY A 367 -6.94 49.70 -20.55
CA GLY A 367 -7.43 48.59 -21.33
C GLY A 367 -6.41 47.55 -21.71
N GLU A 368 -5.17 47.67 -21.25
CA GLU A 368 -4.11 46.74 -21.64
C GLU A 368 -3.21 46.40 -20.45
N ILE A 369 -2.34 45.40 -20.69
CA ILE A 369 -1.37 44.90 -19.70
C ILE A 369 0.02 44.96 -20.33
N ASN A 370 0.84 45.89 -19.86
CA ASN A 370 2.20 46.05 -20.40
C ASN A 370 3.17 45.20 -19.57
N ASP A 371 3.17 43.88 -19.84
CA ASP A 371 3.96 42.93 -19.02
C ASP A 371 5.34 42.70 -19.65
N GLU A 372 6.16 43.77 -19.63
CA GLU A 372 7.46 43.73 -20.30
C GLU A 372 8.40 42.68 -19.70
N GLN A 373 8.34 42.45 -18.38
CA GLN A 373 9.16 41.41 -17.79
C GLN A 373 8.90 40.07 -18.43
N ARG A 374 7.61 39.75 -18.69
CA ARG A 374 7.28 38.44 -19.25
C ARG A 374 7.73 38.34 -20.70
N VAL A 375 7.62 39.43 -21.45
CA VAL A 375 8.15 39.45 -22.82
C VAL A 375 9.62 39.07 -22.83
N ARG A 376 10.42 39.71 -21.96
CA ARG A 376 11.86 39.42 -21.90
C ARG A 376 12.12 37.98 -21.43
N TYR A 377 11.32 37.49 -20.45
CA TYR A 377 11.48 36.10 -19.99
C TYR A 377 11.30 35.11 -21.14
N LEU A 378 10.19 35.24 -21.89
CA LEU A 378 9.90 34.33 -22.98
C LEU A 378 10.93 34.44 -24.10
N ASP A 379 11.33 35.66 -24.46
CA ASP A 379 12.37 35.82 -25.49
C ASP A 379 13.65 35.08 -25.09
N GLY A 380 14.11 35.32 -23.87
CA GLY A 380 15.34 34.67 -23.42
C GLY A 380 15.23 33.14 -23.39
N HIS A 381 14.08 32.62 -22.91
CA HIS A 381 14.01 31.17 -22.71
C HIS A 381 13.75 30.43 -24.02
N ILE A 382 13.05 31.07 -24.97
CA ILE A 382 12.87 30.48 -26.28
C ILE A 382 14.20 30.41 -27.03
N ASN A 383 15.02 31.48 -26.94
CA ASN A 383 16.36 31.38 -27.51
C ASN A 383 17.26 30.38 -26.76
N ALA A 384 17.07 30.19 -25.44
CA ALA A 384 17.83 29.16 -24.74
C ALA A 384 17.53 27.75 -25.27
N VAL A 385 16.27 27.48 -25.62
CA VAL A 385 15.94 26.19 -26.21
C VAL A 385 16.64 26.06 -27.59
N ASN A 386 16.62 27.14 -28.37
CA ASN A 386 17.31 27.08 -29.66
C ASN A 386 18.78 26.71 -29.49
N HIS A 387 19.45 27.31 -28.48
CA HIS A 387 20.87 27.01 -28.21
C HIS A 387 21.06 25.53 -27.86
N ALA A 388 20.13 24.96 -27.08
CA ALA A 388 20.22 23.54 -26.77
C ALA A 388 20.07 22.65 -28.02
N ILE A 389 19.12 22.97 -28.90
CA ILE A 389 18.98 22.24 -30.16
C ILE A 389 20.25 22.33 -30.98
N GLU A 390 20.85 23.52 -31.05
CA GLU A 390 22.08 23.63 -31.83
C GLU A 390 23.22 22.84 -31.18
N SER A 391 23.11 22.53 -29.89
CA SER A 391 24.10 21.71 -29.19
C SER A 391 23.85 20.20 -29.34
N GLY A 392 22.77 19.80 -30.01
CA GLY A 392 22.50 18.41 -30.27
C GLY A 392 21.35 17.79 -29.48
N VAL A 393 20.58 18.57 -28.70
CA VAL A 393 19.49 18.02 -27.90
C VAL A 393 18.26 17.96 -28.79
N ASP A 394 17.58 16.79 -28.80
CA ASP A 394 16.41 16.55 -29.67
C ASP A 394 15.13 17.04 -28.98
N ILE A 395 14.73 18.29 -29.32
CA ILE A 395 13.57 18.99 -28.73
C ILE A 395 12.60 19.33 -29.86
N ARG A 396 11.32 18.98 -29.68
CA ARG A 396 10.40 19.07 -30.81
C ARG A 396 9.19 19.96 -30.58
N GLY A 397 9.08 20.64 -29.44
CA GLY A 397 7.98 21.55 -29.21
C GLY A 397 8.19 22.36 -27.95
N TYR A 398 7.44 23.46 -27.85
CA TYR A 398 7.52 24.39 -26.74
C TYR A 398 6.13 24.91 -26.37
N PHE A 399 5.74 24.78 -25.10
CA PHE A 399 4.42 25.20 -24.60
C PHE A 399 4.62 26.23 -23.49
N ALA A 400 4.07 27.44 -23.69
CA ALA A 400 4.13 28.48 -22.66
C ALA A 400 3.08 28.21 -21.57
N TRP A 401 3.50 28.31 -20.30
CA TRP A 401 2.58 28.33 -19.15
C TRP A 401 2.33 29.81 -18.79
N SER A 402 1.09 30.28 -18.87
CA SER A 402 -0.15 29.57 -19.13
C SER A 402 -0.94 30.32 -20.17
N LEU A 403 -1.95 29.67 -20.77
CA LEU A 403 -2.92 30.40 -21.59
C LEU A 403 -3.47 31.64 -20.89
N MET A 404 -3.81 31.53 -19.60
CA MET A 404 -4.48 32.63 -18.91
C MET A 404 -4.16 32.54 -17.41
N ASP A 405 -4.33 33.67 -16.72
CA ASP A 405 -4.18 33.68 -15.27
C ASP A 405 -5.13 32.66 -14.66
N ASN A 406 -4.72 32.04 -13.53
CA ASN A 406 -5.53 30.95 -12.98
C ASN A 406 -5.19 30.69 -11.50
N PHE A 407 -5.77 29.61 -10.96
CA PHE A 407 -5.54 29.24 -9.56
C PHE A 407 -4.15 28.59 -9.41
N GLU A 408 -3.22 29.31 -8.80
CA GLU A 408 -1.84 28.83 -8.67
C GLU A 408 -1.62 28.10 -7.33
N TRP A 409 -2.42 27.04 -7.11
CA TRP A 409 -2.18 26.03 -6.01
C TRP A 409 -2.05 26.76 -4.66
N ALA A 410 -0.98 26.54 -3.87
CA ALA A 410 -1.00 27.12 -2.50
C ALA A 410 -0.87 28.66 -2.47
N GLU A 411 -0.44 29.30 -3.57
CA GLU A 411 -0.47 30.77 -3.71
C GLU A 411 -1.86 31.31 -4.06
N GLY A 412 -2.83 30.44 -4.33
CA GLY A 412 -4.14 30.94 -4.73
C GLY A 412 -4.07 31.78 -5.99
N TYR A 413 -4.93 32.80 -6.05
CA TYR A 413 -4.92 33.65 -7.25
C TYR A 413 -3.88 34.78 -7.20
N SER A 414 -3.04 34.83 -6.15
CA SER A 414 -2.13 35.97 -5.95
C SER A 414 -0.94 35.98 -6.93
N LYS A 415 -0.73 34.92 -7.71
CA LYS A 415 0.39 34.83 -8.66
C LYS A 415 -0.20 34.60 -10.04
N ARG A 416 0.03 35.54 -10.97
CA ARG A 416 -0.57 35.52 -12.30
C ARG A 416 0.48 35.08 -13.34
N PHE A 417 0.24 33.94 -14.03
CA PHE A 417 1.17 33.37 -15.02
C PHE A 417 0.68 33.49 -16.47
N GLY A 418 -0.49 34.08 -16.73
CA GLY A 418 -1.09 33.98 -18.06
C GLY A 418 -0.42 34.86 -19.11
N LEU A 419 -0.50 34.42 -20.38
CA LEU A 419 -0.33 35.34 -21.51
C LEU A 419 -1.61 36.16 -21.74
N THR A 420 -2.69 35.81 -21.04
CA THR A 420 -3.99 36.50 -21.08
C THR A 420 -4.39 36.84 -19.65
N TYR A 421 -4.80 38.07 -19.42
CA TYR A 421 -5.26 38.54 -18.12
C TYR A 421 -6.73 38.17 -17.88
N VAL A 422 -7.09 37.82 -16.65
CA VAL A 422 -8.47 37.46 -16.32
C VAL A 422 -8.97 38.36 -15.21
N ASP A 423 -10.06 39.08 -15.44
CA ASP A 423 -10.75 39.77 -14.34
C ASP A 423 -11.72 38.79 -13.67
N TYR A 424 -11.42 38.38 -12.43
CA TYR A 424 -12.21 37.29 -11.85
C TYR A 424 -13.60 37.73 -11.46
N GLN A 425 -13.82 39.02 -11.25
CA GLN A 425 -15.16 39.46 -10.89
C GLN A 425 -16.11 39.47 -12.09
N THR A 426 -15.61 39.82 -13.28
CA THR A 426 -16.43 39.81 -14.50
C THR A 426 -16.14 38.63 -15.42
N GLN A 427 -15.03 37.89 -15.22
CA GLN A 427 -14.50 36.84 -16.09
C GLN A 427 -14.02 37.35 -17.44
N GLU A 428 -13.92 38.66 -17.64
CA GLU A 428 -13.39 39.17 -18.91
C GLU A 428 -11.93 38.75 -19.12
N ARG A 429 -11.60 38.26 -20.34
CA ARG A 429 -10.24 37.93 -20.75
C ARG A 429 -9.65 39.06 -21.58
N THR A 430 -8.39 39.44 -21.30
CA THR A 430 -7.69 40.49 -22.08
C THR A 430 -6.27 40.03 -22.43
N ILE A 431 -5.95 39.95 -23.72
CA ILE A 431 -4.61 39.49 -24.10
C ILE A 431 -3.55 40.49 -23.63
N LYS A 432 -2.48 40.00 -22.99
CA LYS A 432 -1.39 40.87 -22.53
C LYS A 432 -0.42 41.17 -23.67
N ARG A 433 0.49 42.14 -23.43
CA ARG A 433 1.56 42.42 -24.40
C ARG A 433 2.32 41.13 -24.79
N SER A 434 2.60 40.26 -23.80
CA SER A 434 3.35 39.03 -24.08
C SER A 434 2.58 38.09 -24.99
N GLY A 435 1.26 37.97 -24.82
CA GLY A 435 0.49 37.16 -25.76
C GLY A 435 0.57 37.71 -27.17
N HIS A 436 0.45 39.04 -27.31
CA HIS A 436 0.59 39.64 -28.65
C HIS A 436 1.97 39.39 -29.24
N ALA A 437 3.04 39.46 -28.40
CA ALA A 437 4.38 39.23 -28.94
C ALA A 437 4.55 37.77 -29.39
N TYR A 438 3.96 36.82 -28.63
CA TYR A 438 4.00 35.40 -28.99
C TYR A 438 3.26 35.16 -30.31
N ARG A 439 2.05 35.71 -30.42
CA ARG A 439 1.29 35.59 -31.65
C ARG A 439 2.06 36.17 -32.84
N THR A 440 2.78 37.29 -32.63
CA THR A 440 3.55 37.88 -33.74
C THR A 440 4.68 36.95 -34.17
N LEU A 441 5.43 36.39 -33.22
CA LEU A 441 6.43 35.37 -33.56
C LEU A 441 5.84 34.24 -34.42
N LEU A 442 4.72 33.67 -33.97
CA LEU A 442 4.16 32.49 -34.66
C LEU A 442 3.57 32.86 -36.03
N ASN A 443 2.84 33.99 -36.13
CA ASN A 443 2.15 34.33 -37.39
C ASN A 443 3.12 34.78 -38.47
N ASN A 444 4.33 35.23 -38.12
CA ASN A 444 5.35 35.60 -39.09
C ASN A 444 6.16 34.42 -39.66
N ARG A 445 5.90 33.19 -39.21
CA ARG A 445 6.60 32.03 -39.77
C ARG A 445 6.26 31.93 -41.25
N LYS A 446 7.28 32.09 -42.09
CA LYS A 446 7.08 31.99 -43.52
C LYS A 446 7.04 30.55 -43.98
N SER B 2 -2.43 -41.03 31.86
CA SER B 2 -3.73 -40.36 31.84
C SER B 2 -3.60 -38.84 31.89
N ILE B 3 -4.72 -38.16 31.78
CA ILE B 3 -4.77 -36.70 31.88
C ILE B 3 -5.70 -36.40 33.05
N THR B 4 -5.15 -35.80 34.11
CA THR B 4 -5.93 -35.56 35.32
C THR B 4 -5.64 -34.14 35.83
N LEU B 5 -6.66 -33.52 36.45
CA LEU B 5 -6.52 -32.25 37.13
C LEU B 5 -7.02 -32.42 38.56
N PRO B 6 -6.54 -31.60 39.52
CA PRO B 6 -7.14 -31.64 40.87
C PRO B 6 -8.64 -31.36 40.82
N SER B 7 -9.42 -32.05 41.66
CA SER B 7 -10.88 -31.96 41.48
C SER B 7 -11.45 -30.58 41.80
N HIS B 8 -10.72 -29.72 42.51
CA HIS B 8 -11.21 -28.38 42.83
C HIS B 8 -10.72 -27.32 41.85
N SER B 9 -10.04 -27.71 40.78
CA SER B 9 -9.56 -26.75 39.78
C SER B 9 -10.73 -25.97 39.15
N LYS B 10 -10.53 -24.64 38.99
CA LYS B 10 -11.48 -23.81 38.24
C LYS B 10 -11.73 -24.35 36.83
N MET B 11 -10.77 -25.08 36.26
CA MET B 11 -10.94 -25.58 34.89
C MET B 11 -12.03 -26.64 34.80
N LEU B 12 -12.38 -27.30 35.90
CA LEU B 12 -13.34 -28.39 35.82
C LEU B 12 -14.77 -27.96 36.16
N THR B 13 -15.03 -26.64 36.23
CA THR B 13 -16.37 -26.11 36.49
C THR B 13 -17.02 -25.63 35.19
N SER B 14 -18.29 -25.24 35.29
CA SER B 14 -18.99 -24.73 34.11
C SER B 14 -18.52 -23.34 33.69
N ASP B 15 -17.59 -22.72 34.41
CA ASP B 15 -17.07 -21.44 33.95
C ASP B 15 -15.96 -21.60 32.90
N PHE B 16 -15.66 -22.83 32.49
CA PHE B 16 -14.50 -23.10 31.66
C PHE B 16 -14.85 -24.07 30.54
N ILE B 17 -14.35 -23.86 29.31
CA ILE B 17 -14.66 -24.76 28.21
C ILE B 17 -13.42 -25.48 27.68
N PHE B 18 -13.59 -26.76 27.30
CA PHE B 18 -12.56 -27.59 26.65
C PHE B 18 -12.99 -27.87 25.22
N GLY B 19 -12.07 -27.70 24.26
CA GLY B 19 -12.39 -27.96 22.87
C GLY B 19 -11.28 -28.63 22.07
N VAL B 20 -11.47 -28.70 20.73
CA VAL B 20 -10.45 -29.14 19.77
C VAL B 20 -10.53 -28.14 18.62
N ALA B 21 -9.43 -28.01 17.85
CA ALA B 21 -9.32 -26.96 16.83
C ALA B 21 -8.80 -27.51 15.49
N THR B 22 -9.23 -26.86 14.39
CA THR B 22 -8.78 -27.13 13.01
C THR B 22 -8.69 -25.81 12.21
N ALA B 23 -8.32 -25.90 10.93
CA ALA B 23 -8.26 -24.76 10.00
C ALA B 23 -8.66 -25.23 8.59
N SER B 24 -9.26 -24.33 7.80
CA SER B 24 -9.92 -24.74 6.55
C SER B 24 -8.98 -25.44 5.57
N PHE B 25 -7.88 -24.79 5.19
CA PHE B 25 -7.02 -25.39 4.18
C PHE B 25 -6.35 -26.66 4.69
N GLN B 26 -6.25 -26.83 6.01
CA GLN B 26 -5.56 -28.01 6.52
C GLN B 26 -6.43 -29.27 6.43
N ILE B 27 -7.77 -29.17 6.46
CA ILE B 27 -8.62 -30.35 6.51
C ILE B 27 -9.61 -30.50 5.34
N GLU B 28 -9.96 -29.42 4.62
CA GLU B 28 -11.18 -29.47 3.79
C GLU B 28 -10.99 -30.22 2.48
N GLY B 29 -9.85 -30.02 1.79
CA GLY B 29 -9.72 -30.59 0.46
C GLY B 29 -10.68 -29.89 -0.51
N ALA B 30 -11.13 -30.62 -1.51
CA ALA B 30 -12.11 -30.04 -2.46
C ALA B 30 -11.70 -28.64 -2.93
N THR B 31 -10.43 -28.49 -3.36
CA THR B 31 -9.93 -27.13 -3.65
C THR B 31 -10.50 -26.50 -4.93
N THR B 32 -11.15 -27.26 -5.83
CA THR B 32 -11.78 -26.65 -7.00
C THR B 32 -13.29 -26.77 -6.98
N ALA B 33 -13.87 -27.28 -5.88
CA ALA B 33 -15.33 -27.44 -5.84
C ALA B 33 -16.03 -26.08 -5.78
N ASP B 34 -17.20 -26.01 -6.44
CA ASP B 34 -18.17 -24.92 -6.25
C ASP B 34 -17.56 -23.55 -6.54
N ASN B 35 -16.70 -23.52 -7.56
CA ASN B 35 -16.05 -22.27 -8.00
C ASN B 35 -15.17 -21.64 -6.92
N ARG B 36 -14.65 -22.43 -5.97
CA ARG B 36 -13.64 -21.92 -5.04
C ARG B 36 -12.46 -21.29 -5.77
N LEU B 37 -12.01 -20.06 -5.31
CA LEU B 37 -10.87 -19.39 -5.96
C LEU B 37 -9.54 -20.01 -5.50
N PRO B 38 -8.49 -19.98 -6.35
CA PRO B 38 -7.16 -20.40 -5.88
C PRO B 38 -6.66 -19.49 -4.76
N SER B 39 -6.01 -20.09 -3.76
CA SER B 39 -5.40 -19.33 -2.67
C SER B 39 -3.87 -19.31 -2.80
N ILE B 40 -3.22 -18.46 -2.01
CA ILE B 40 -1.76 -18.41 -2.05
C ILE B 40 -1.13 -19.75 -1.68
N TRP B 41 -1.82 -20.59 -0.88
CA TRP B 41 -1.24 -21.88 -0.53
C TRP B 41 -1.40 -22.90 -1.65
N ASP B 42 -2.45 -22.76 -2.49
CA ASP B 42 -2.48 -23.59 -3.69
C ASP B 42 -1.28 -23.29 -4.57
N THR B 43 -0.92 -22.00 -4.70
CA THR B 43 0.25 -21.62 -5.50
C THR B 43 1.56 -22.10 -4.87
N PHE B 44 1.71 -21.90 -3.56
CA PHE B 44 2.94 -22.26 -2.83
C PHE B 44 3.21 -23.76 -2.93
N CYS B 45 2.17 -24.62 -2.72
CA CYS B 45 2.37 -26.07 -2.83
C CYS B 45 2.86 -26.47 -4.23
N ALA B 46 2.38 -25.78 -5.27
CA ALA B 46 2.77 -26.10 -6.63
C ALA B 46 4.12 -25.50 -7.05
N THR B 47 4.84 -24.81 -6.15
CA THR B 47 6.15 -24.23 -6.47
C THR B 47 7.26 -25.17 -5.99
N PRO B 48 8.18 -25.60 -6.87
CA PRO B 48 9.19 -26.58 -6.45
C PRO B 48 9.99 -26.12 -5.23
N GLY B 49 10.14 -27.00 -4.23
CA GLY B 49 11.02 -26.78 -3.11
C GLY B 49 10.42 -26.07 -1.91
N LYS B 50 9.17 -25.57 -2.01
CA LYS B 50 8.59 -24.81 -0.90
C LYS B 50 7.80 -25.66 0.09
N VAL B 51 7.19 -26.78 -0.35
CA VAL B 51 6.42 -27.66 0.56
C VAL B 51 6.99 -29.07 0.50
N LYS B 52 7.09 -29.73 1.66
CA LYS B 52 7.78 -31.03 1.77
C LYS B 52 7.30 -32.03 0.72
N GLY B 53 8.26 -32.69 0.08
CA GLY B 53 7.93 -33.71 -0.90
C GLY B 53 7.05 -33.17 -2.03
N MET B 54 6.01 -33.95 -2.36
CA MET B 54 5.02 -33.55 -3.35
C MET B 54 3.67 -33.18 -2.71
N ASP B 55 3.66 -32.88 -1.41
CA ASP B 55 2.38 -32.71 -0.70
C ASP B 55 1.63 -31.44 -1.10
N ASN B 56 0.30 -31.52 -1.18
CA ASN B 56 -0.57 -30.36 -1.44
C ASN B 56 -1.90 -30.51 -0.71
N GLY B 57 -2.76 -29.51 -0.86
CA GLY B 57 -4.05 -29.42 -0.17
C GLY B 57 -5.27 -29.88 -0.94
N GLU B 58 -5.07 -30.50 -2.10
CA GLU B 58 -6.19 -30.82 -2.99
C GLU B 58 -7.20 -31.78 -2.34
N VAL B 59 -6.72 -32.75 -1.53
CA VAL B 59 -7.61 -33.72 -0.90
C VAL B 59 -7.64 -33.59 0.63
N ALA B 60 -6.46 -33.45 1.27
CA ALA B 60 -6.35 -33.28 2.74
C ALA B 60 -7.16 -34.37 3.45
N CYS B 61 -8.04 -34.01 4.40
CA CYS B 61 -8.89 -34.97 5.10
C CYS B 61 -10.28 -35.06 4.46
N ASP B 62 -10.49 -34.42 3.29
CA ASP B 62 -11.80 -34.40 2.59
C ASP B 62 -12.95 -34.01 3.52
N HIS B 63 -12.68 -33.10 4.48
CA HIS B 63 -13.73 -32.63 5.41
C HIS B 63 -14.86 -31.93 4.66
N TYR B 64 -14.56 -31.33 3.48
CA TYR B 64 -15.65 -30.75 2.68
C TYR B 64 -16.77 -31.75 2.40
N HIS B 65 -16.43 -33.03 2.18
CA HIS B 65 -17.47 -34.03 1.94
C HIS B 65 -17.79 -34.86 3.18
N LEU B 66 -16.87 -34.96 4.16
CA LEU B 66 -17.07 -35.86 5.32
C LEU B 66 -17.52 -35.12 6.60
N TRP B 67 -17.93 -33.86 6.45
CA TRP B 67 -18.20 -32.99 7.61
C TRP B 67 -19.19 -33.62 8.62
N GLU B 68 -20.19 -34.37 8.15
CA GLU B 68 -21.19 -34.88 9.11
C GLU B 68 -20.61 -35.95 10.04
N GLN B 69 -19.81 -36.85 9.48
CA GLN B 69 -19.16 -37.84 10.33
C GLN B 69 -18.09 -37.20 11.24
N ASP B 70 -17.46 -36.11 10.78
CA ASP B 70 -16.55 -35.39 11.69
C ASP B 70 -17.29 -34.67 12.83
N ILE B 71 -18.55 -34.25 12.63
CA ILE B 71 -19.30 -33.70 13.78
C ILE B 71 -19.59 -34.79 14.81
N GLN B 72 -19.93 -36.00 14.34
CA GLN B 72 -20.11 -37.11 15.28
C GLN B 72 -18.80 -37.44 16.01
N LEU B 73 -17.67 -37.35 15.33
CA LEU B 73 -16.38 -37.53 16.01
C LEU B 73 -16.18 -36.48 17.12
N ILE B 74 -16.46 -35.19 16.82
CA ILE B 74 -16.35 -34.14 17.84
C ILE B 74 -17.24 -34.48 19.04
N LYS B 75 -18.47 -34.91 18.78
CA LYS B 75 -19.38 -35.34 19.86
C LYS B 75 -18.77 -36.48 20.67
N ASP B 76 -18.22 -37.49 19.99
CA ASP B 76 -17.69 -38.68 20.66
C ASP B 76 -16.53 -38.32 21.60
N LEU B 77 -15.74 -37.29 21.27
CA LEU B 77 -14.63 -36.92 22.13
C LEU B 77 -15.08 -36.26 23.44
N GLY B 78 -16.36 -35.87 23.57
CA GLY B 78 -16.86 -35.31 24.82
C GLY B 78 -16.55 -33.84 25.04
N VAL B 79 -16.07 -33.12 24.01
CA VAL B 79 -15.65 -31.73 24.21
C VAL B 79 -16.85 -30.77 24.26
N ASP B 80 -16.63 -29.59 24.89
CA ASP B 80 -17.64 -28.53 24.98
C ASP B 80 -17.72 -27.67 23.72
N ALA B 81 -16.62 -27.59 22.97
CA ALA B 81 -16.48 -26.52 21.98
C ALA B 81 -15.63 -26.98 20.82
N TYR B 82 -15.81 -26.33 19.66
CA TYR B 82 -15.09 -26.64 18.44
C TYR B 82 -14.61 -25.32 17.82
N ARG B 83 -13.32 -25.24 17.45
CA ARG B 83 -12.74 -24.06 16.81
C ARG B 83 -12.38 -24.41 15.36
N LEU B 84 -12.86 -23.59 14.40
CA LEU B 84 -12.64 -23.83 12.96
C LEU B 84 -12.33 -22.50 12.28
N SER B 85 -11.87 -22.55 11.01
CA SER B 85 -11.76 -21.30 10.25
C SER B 85 -12.62 -21.35 8.99
N ILE B 86 -12.94 -20.14 8.46
CA ILE B 86 -13.77 -19.93 7.25
C ILE B 86 -12.81 -19.64 6.09
N ALA B 87 -13.06 -20.24 4.92
CA ALA B 87 -12.18 -20.06 3.75
C ALA B 87 -12.68 -18.89 2.88
N TRP B 88 -11.99 -17.77 2.97
CA TRP B 88 -12.24 -16.64 2.08
C TRP B 88 -12.33 -17.06 0.60
N PRO B 89 -11.50 -17.99 0.08
CA PRO B 89 -11.64 -18.42 -1.34
C PRO B 89 -12.98 -19.05 -1.69
N ARG B 90 -13.71 -19.63 -0.72
CA ARG B 90 -14.97 -20.30 -0.99
C ARG B 90 -16.17 -19.37 -1.02
N VAL B 91 -16.16 -18.27 -0.25
CA VAL B 91 -17.40 -17.56 0.03
C VAL B 91 -17.57 -16.32 -0.84
N MET B 92 -16.60 -15.99 -1.69
CA MET B 92 -16.86 -14.89 -2.60
C MET B 92 -16.07 -15.05 -3.89
N ASP B 93 -16.52 -14.35 -4.94
CA ASP B 93 -15.88 -14.43 -6.24
C ASP B 93 -14.79 -13.35 -6.37
N LYS B 94 -14.18 -13.22 -7.55
CA LYS B 94 -13.09 -12.25 -7.71
C LYS B 94 -13.57 -10.82 -7.60
N LYS B 95 -14.84 -10.54 -7.85
CA LYS B 95 -15.37 -9.19 -7.77
C LYS B 95 -15.89 -8.83 -6.38
N GLY B 96 -15.80 -9.73 -5.41
CA GLY B 96 -16.31 -9.42 -4.09
C GLY B 96 -17.74 -9.80 -3.85
N GLU B 97 -18.39 -10.47 -4.79
CA GLU B 97 -19.78 -10.86 -4.62
C GLU B 97 -19.83 -12.21 -3.93
N ALA B 98 -20.88 -12.42 -3.16
CA ALA B 98 -21.01 -13.64 -2.39
C ALA B 98 -21.17 -14.88 -3.30
N ASN B 99 -20.51 -15.96 -2.90
CA ASN B 99 -20.68 -17.29 -3.49
C ASN B 99 -21.62 -18.10 -2.57
N GLN B 100 -22.88 -18.23 -2.95
CA GLN B 100 -23.88 -18.88 -2.08
C GLN B 100 -23.62 -20.39 -1.88
N ALA B 101 -23.03 -21.10 -2.85
CA ALA B 101 -22.69 -22.51 -2.60
C ALA B 101 -21.62 -22.67 -1.52
N GLY B 102 -20.57 -21.83 -1.59
CA GLY B 102 -19.56 -21.84 -0.54
C GLY B 102 -20.15 -21.48 0.82
N LEU B 103 -21.03 -20.47 0.86
CA LEU B 103 -21.65 -20.12 2.15
C LEU B 103 -22.55 -21.23 2.69
N ASP B 104 -23.23 -21.97 1.79
CA ASP B 104 -24.09 -23.08 2.21
C ASP B 104 -23.29 -24.15 2.93
N PHE B 105 -22.05 -24.41 2.48
CA PHE B 105 -21.25 -25.42 3.19
C PHE B 105 -21.18 -25.08 4.70
N TYR B 106 -20.83 -23.81 4.99
CA TYR B 106 -20.67 -23.37 6.37
C TYR B 106 -21.99 -23.26 7.09
N ARG B 107 -23.03 -22.76 6.42
CA ARG B 107 -24.36 -22.72 7.03
C ARG B 107 -24.77 -24.09 7.56
N ASN B 108 -24.61 -25.15 6.73
CA ASN B 108 -25.10 -26.47 7.14
C ASN B 108 -24.24 -27.06 8.26
N LEU B 109 -22.92 -26.89 8.16
CA LEU B 109 -22.03 -27.37 9.21
C LEU B 109 -22.36 -26.72 10.56
N LEU B 110 -22.46 -25.36 10.57
CA LEU B 110 -22.68 -24.59 11.81
C LEU B 110 -24.04 -24.89 12.41
N LYS B 111 -25.08 -25.03 11.58
CA LYS B 111 -26.39 -25.39 12.12
C LYS B 111 -26.34 -26.74 12.83
N LYS B 112 -25.61 -27.71 12.25
CA LYS B 112 -25.55 -29.03 12.87
C LYS B 112 -24.75 -28.99 14.16
N LEU B 113 -23.64 -28.26 14.18
CA LEU B 113 -22.87 -28.09 15.41
C LEU B 113 -23.72 -27.48 16.54
N LYS B 114 -24.48 -26.42 16.25
CA LYS B 114 -25.32 -25.84 17.32
C LYS B 114 -26.44 -26.80 17.74
N ALA B 115 -26.97 -27.59 16.82
CA ALA B 115 -28.01 -28.55 17.19
C ALA B 115 -27.45 -29.65 18.09
N GLU B 116 -26.17 -29.93 17.98
CA GLU B 116 -25.55 -30.93 18.84
C GLU B 116 -25.14 -30.35 20.18
N GLY B 117 -25.35 -29.06 20.38
CA GLY B 117 -25.09 -28.43 21.66
C GLY B 117 -23.68 -27.92 21.85
N LEU B 118 -22.89 -27.75 20.79
CA LEU B 118 -21.49 -27.29 20.90
C LEU B 118 -21.40 -25.76 20.91
N THR B 119 -20.41 -25.24 21.63
CA THR B 119 -19.99 -23.83 21.51
C THR B 119 -19.03 -23.72 20.31
N VAL B 120 -19.16 -22.66 19.51
CA VAL B 120 -18.41 -22.55 18.23
C VAL B 120 -17.50 -21.32 18.26
N PHE B 121 -16.18 -21.53 18.04
CA PHE B 121 -15.20 -20.47 17.83
C PHE B 121 -14.84 -20.50 16.35
N ALA B 122 -15.03 -19.38 15.63
CA ALA B 122 -14.67 -19.29 14.21
C ALA B 122 -13.61 -18.23 13.97
N THR B 123 -12.58 -18.60 13.19
CA THR B 123 -11.51 -17.72 12.75
C THR B 123 -11.80 -17.26 11.32
N LEU B 124 -11.76 -15.96 11.07
CA LEU B 124 -12.03 -15.45 9.72
C LEU B 124 -10.85 -15.67 8.78
N TYR B 125 -9.62 -15.46 9.26
CA TYR B 125 -8.40 -15.57 8.43
C TYR B 125 -7.39 -16.51 9.09
N HIS B 126 -7.20 -17.70 8.52
CA HIS B 126 -6.16 -18.65 8.90
C HIS B 126 -5.31 -18.99 7.67
N TRP B 127 -4.88 -17.94 6.93
CA TRP B 127 -3.75 -17.95 5.98
C TRP B 127 -4.09 -18.22 4.50
N ASP B 128 -5.34 -18.53 4.17
CA ASP B 128 -5.70 -18.85 2.78
C ASP B 128 -6.16 -17.61 2.01
N LEU B 129 -5.25 -16.63 1.86
CA LEU B 129 -5.58 -15.44 1.07
C LEU B 129 -5.88 -15.81 -0.39
N PRO B 130 -6.93 -15.25 -0.99
CA PRO B 130 -7.15 -15.45 -2.45
C PRO B 130 -5.96 -14.98 -3.28
N GLN B 131 -5.52 -15.84 -4.21
CA GLN B 131 -4.33 -15.50 -5.02
C GLN B 131 -4.51 -14.19 -5.81
N HIS B 132 -5.73 -13.84 -6.23
CA HIS B 132 -5.84 -12.60 -7.02
C HIS B 132 -5.44 -11.33 -6.23
N LEU B 133 -5.55 -11.36 -4.88
CA LEU B 133 -5.12 -10.27 -4.01
C LEU B 133 -3.60 -10.23 -3.86
N GLU B 134 -2.96 -11.40 -3.81
CA GLU B 134 -1.51 -11.46 -3.84
C GLU B 134 -0.95 -10.99 -5.19
N ASP B 135 -1.68 -11.15 -6.30
CA ASP B 135 -1.19 -10.64 -7.59
C ASP B 135 -1.05 -9.11 -7.61
N LYS B 136 -1.75 -8.39 -6.73
CA LYS B 136 -1.66 -6.94 -6.60
C LYS B 136 -0.84 -6.52 -5.38
N GLY B 137 -0.08 -7.45 -4.80
CA GLY B 137 0.84 -7.14 -3.73
C GLY B 137 0.49 -7.82 -2.43
N GLY B 138 -0.70 -8.40 -2.32
CA GLY B 138 -1.06 -9.14 -1.09
C GLY B 138 -1.06 -8.24 0.15
N TRP B 139 -0.52 -8.76 1.26
CA TRP B 139 -0.51 -7.99 2.50
C TRP B 139 0.44 -6.79 2.42
N LEU B 140 1.19 -6.65 1.31
CA LEU B 140 1.99 -5.43 1.10
C LEU B 140 1.17 -4.32 0.49
N ASN B 141 -0.02 -4.64 -0.05
CA ASN B 141 -0.96 -3.64 -0.55
C ASN B 141 -1.94 -3.27 0.57
N ARG B 142 -1.94 -2.00 1.01
CA ARG B 142 -2.83 -1.55 2.08
C ARG B 142 -4.30 -1.88 1.80
N GLU B 143 -4.69 -1.89 0.52
CA GLU B 143 -6.08 -2.21 0.17
C GLU B 143 -6.53 -3.60 0.65
N THR B 144 -5.61 -4.55 0.76
CA THR B 144 -6.00 -5.87 1.25
C THR B 144 -6.66 -5.78 2.64
N ALA B 145 -6.23 -4.83 3.49
CA ALA B 145 -6.92 -4.67 4.77
C ALA B 145 -8.38 -4.23 4.60
N TYR B 146 -8.65 -3.29 3.67
CA TYR B 146 -10.04 -2.91 3.36
C TYR B 146 -10.83 -4.07 2.72
N GLN B 147 -10.16 -4.89 1.88
CA GLN B 147 -10.82 -6.07 1.33
C GLN B 147 -11.16 -7.06 2.45
N PHE B 148 -10.27 -7.20 3.45
CA PHE B 148 -10.59 -8.08 4.58
C PHE B 148 -11.82 -7.55 5.32
N LYS B 149 -11.91 -6.21 5.50
CA LYS B 149 -13.08 -5.65 6.16
C LYS B 149 -14.36 -6.06 5.44
N ASN B 150 -14.36 -5.96 4.11
CA ASN B 150 -15.57 -6.32 3.35
C ASN B 150 -15.89 -7.81 3.52
N TYR B 151 -14.86 -8.66 3.54
CA TYR B 151 -15.09 -10.10 3.73
C TYR B 151 -15.68 -10.39 5.12
N ALA B 152 -15.13 -9.74 6.17
CA ALA B 152 -15.65 -9.93 7.52
C ALA B 152 -17.09 -9.45 7.64
N ASP B 153 -17.44 -8.37 6.89
CA ASP B 153 -18.82 -7.88 6.86
C ASP B 153 -19.76 -8.95 6.29
N LEU B 154 -19.39 -9.56 5.15
CA LEU B 154 -20.26 -10.55 4.51
C LEU B 154 -20.46 -11.76 5.43
N VAL B 155 -19.35 -12.32 5.92
CA VAL B 155 -19.43 -13.60 6.63
C VAL B 155 -20.17 -13.42 7.95
N THR B 156 -19.91 -12.32 8.70
CA THR B 156 -20.58 -12.19 9.99
C THR B 156 -22.06 -11.85 9.80
N LYS B 157 -22.39 -11.22 8.67
CA LYS B 157 -23.80 -11.01 8.37
C LYS B 157 -24.49 -12.33 8.11
N GLU B 158 -23.80 -13.26 7.42
CA GLU B 158 -24.48 -14.49 7.01
C GLU B 158 -24.50 -15.55 8.10
N LEU B 159 -23.46 -15.64 8.94
CA LEU B 159 -23.30 -16.79 9.82
C LEU B 159 -23.39 -16.46 11.32
N SER B 160 -23.66 -15.21 11.70
CA SER B 160 -23.53 -14.82 13.12
C SER B 160 -24.54 -15.52 14.03
N GLU B 161 -25.68 -15.99 13.50
CA GLU B 161 -26.61 -16.72 14.37
C GLU B 161 -26.02 -18.00 14.94
N TRP B 162 -24.94 -18.52 14.35
CA TRP B 162 -24.46 -19.86 14.69
C TRP B 162 -23.06 -19.85 15.31
N VAL B 163 -22.50 -18.68 15.66
CA VAL B 163 -21.12 -18.58 16.11
C VAL B 163 -21.08 -17.83 17.44
N ASP B 164 -20.43 -18.42 18.45
CA ASP B 164 -20.33 -17.79 19.77
C ASP B 164 -19.15 -16.81 19.91
N SER B 165 -18.05 -17.04 19.19
CA SER B 165 -16.84 -16.25 19.33
C SER B 165 -16.18 -16.08 17.97
N TRP B 166 -15.86 -14.84 17.57
CA TRP B 166 -15.17 -14.52 16.32
C TRP B 166 -13.72 -14.12 16.59
N ALA B 167 -12.77 -14.68 15.84
CA ALA B 167 -11.40 -14.14 15.84
C ALA B 167 -11.10 -13.59 14.45
N THR B 168 -10.55 -12.38 14.37
CA THR B 168 -10.21 -11.82 13.05
C THR B 168 -9.13 -12.65 12.36
N PHE B 169 -7.98 -12.83 13.04
CA PHE B 169 -6.77 -13.50 12.52
C PHE B 169 -6.25 -14.59 13.45
N ASN B 170 -5.67 -15.63 12.85
CA ASN B 170 -4.85 -16.61 13.55
C ASN B 170 -3.39 -16.35 13.22
N GLU B 171 -2.58 -16.05 14.26
CA GLU B 171 -1.12 -16.00 14.16
C GLU B 171 -0.59 -15.02 13.11
N PRO B 172 -0.77 -13.70 13.31
CA PRO B 172 -0.12 -12.72 12.41
C PRO B 172 1.39 -12.88 12.27
N PHE B 173 2.09 -13.35 13.31
CA PHE B 173 3.53 -13.66 13.19
C PHE B 173 3.82 -14.58 12.02
N CYS B 174 3.05 -15.67 11.89
CA CYS B 174 3.30 -16.59 10.78
C CYS B 174 2.95 -15.94 9.44
N ALA B 175 1.75 -15.37 9.33
CA ALA B 175 1.35 -14.85 8.01
C ALA B 175 2.28 -13.74 7.52
N ALA B 176 2.76 -12.87 8.41
CA ALA B 176 3.61 -11.73 8.02
C ALA B 176 5.11 -12.07 8.02
N ILE B 177 5.64 -12.64 9.12
CA ILE B 177 7.09 -12.88 9.18
C ILE B 177 7.48 -14.17 8.43
N LEU B 178 6.79 -15.32 8.66
CA LEU B 178 7.18 -16.49 7.88
C LEU B 178 6.79 -16.33 6.41
N GLY B 179 5.73 -15.54 6.15
CA GLY B 179 5.25 -15.37 4.78
C GLY B 179 5.98 -14.34 3.93
N TYR B 180 6.56 -13.26 4.54
CA TYR B 180 7.16 -12.14 3.77
C TYR B 180 8.57 -11.74 4.19
N GLU B 181 9.03 -12.17 5.37
CA GLU B 181 10.36 -11.87 5.89
C GLU B 181 11.32 -13.05 5.80
N LEU B 182 10.85 -14.29 6.07
CA LEU B 182 11.74 -15.44 6.05
C LEU B 182 11.49 -16.39 4.89
N GLY B 183 10.40 -16.23 4.11
CA GLY B 183 10.18 -17.06 2.94
C GLY B 183 9.75 -18.50 3.20
N ILE B 184 9.32 -18.82 4.43
CA ILE B 184 9.02 -20.20 4.81
C ILE B 184 7.56 -20.60 4.50
N HIS B 185 6.62 -19.66 4.59
CA HIS B 185 5.20 -19.86 4.33
C HIS B 185 4.78 -19.05 3.09
N ALA B 186 3.58 -19.34 2.58
CA ALA B 186 3.08 -18.59 1.42
C ALA B 186 2.86 -17.13 1.80
N PRO B 187 3.11 -16.19 0.87
CA PRO B 187 3.55 -16.40 -0.51
C PRO B 187 5.03 -16.67 -0.70
N GLY B 188 5.84 -16.37 0.32
CA GLY B 188 7.24 -16.74 0.29
C GLY B 188 8.28 -15.67 -0.03
N LEU B 189 7.99 -14.38 0.18
CA LEU B 189 9.05 -13.36 0.06
C LEU B 189 9.92 -13.38 1.33
N SER B 190 11.09 -12.71 1.27
CA SER B 190 12.02 -12.81 2.43
C SER B 190 12.87 -11.54 2.62
N LYS B 191 12.22 -10.44 3.02
CA LYS B 191 12.92 -9.21 3.50
C LYS B 191 12.20 -8.63 4.71
N PRO B 192 12.91 -8.09 5.71
CA PRO B 192 12.20 -7.48 6.85
C PRO B 192 11.34 -6.28 6.44
N GLU B 193 11.82 -5.47 5.48
CA GLU B 193 11.00 -4.37 4.94
C GLU B 193 9.66 -4.89 4.41
N PHE B 194 9.58 -6.14 3.94
CA PHE B 194 8.28 -6.67 3.52
C PHE B 194 7.47 -7.24 4.72
N GLY B 195 8.07 -8.14 5.49
CA GLY B 195 7.36 -8.81 6.61
C GLY B 195 6.80 -7.83 7.64
N ARG B 196 7.52 -6.74 7.94
CA ARG B 196 7.04 -5.81 8.98
C ARG B 196 5.95 -4.88 8.45
N GLN B 197 5.94 -4.56 7.14
CA GLN B 197 4.80 -3.80 6.60
C GLN B 197 3.58 -4.69 6.45
N ALA B 198 3.81 -5.96 6.05
CA ALA B 198 2.73 -6.93 6.03
C ALA B 198 2.11 -7.06 7.44
N ALA B 199 2.96 -7.06 8.49
CA ALA B 199 2.41 -7.15 9.86
C ALA B 199 1.51 -5.97 10.19
N HIS B 200 1.99 -4.75 9.86
CA HIS B 200 1.19 -3.55 10.11
C HIS B 200 -0.16 -3.60 9.39
N HIS B 201 -0.17 -4.04 8.12
CA HIS B 201 -1.43 -4.12 7.34
C HIS B 201 -2.39 -5.22 7.86
N ILE B 202 -1.87 -6.30 8.44
CA ILE B 202 -2.72 -7.31 9.08
C ILE B 202 -3.38 -6.75 10.35
N LEU B 203 -2.62 -6.04 11.19
CA LEU B 203 -3.22 -5.45 12.39
C LEU B 203 -4.24 -4.37 12.03
N LEU B 204 -3.93 -3.56 11.01
CA LEU B 204 -4.92 -2.62 10.47
C LEU B 204 -6.20 -3.30 10.04
N ALA B 205 -6.09 -4.41 9.28
CA ALA B 205 -7.28 -5.15 8.85
C ALA B 205 -8.10 -5.63 10.05
N HIS B 206 -7.43 -6.14 11.10
CA HIS B 206 -8.12 -6.50 12.36
C HIS B 206 -8.96 -5.34 12.90
N GLY B 207 -8.34 -4.15 13.02
CA GLY B 207 -9.03 -3.00 13.58
C GLY B 207 -10.14 -2.46 12.70
N LEU B 208 -9.95 -2.47 11.38
CA LEU B 208 -11.01 -2.05 10.47
C LEU B 208 -12.23 -2.97 10.58
N ALA B 209 -12.00 -4.27 10.83
CA ALA B 209 -13.11 -5.22 10.86
C ALA B 209 -13.88 -5.19 12.19
N LEU B 210 -13.22 -4.84 13.29
CA LEU B 210 -13.85 -4.92 14.62
C LEU B 210 -15.23 -4.26 14.69
N PRO B 211 -15.40 -3.00 14.28
CA PRO B 211 -16.75 -2.38 14.39
C PRO B 211 -17.83 -3.05 13.55
N VAL B 212 -17.46 -3.57 12.38
CA VAL B 212 -18.38 -4.31 11.50
C VAL B 212 -18.83 -5.62 12.17
N ILE B 213 -17.90 -6.33 12.80
CA ILE B 213 -18.26 -7.58 13.50
C ILE B 213 -19.13 -7.28 14.71
N ARG B 214 -18.84 -6.23 15.45
CA ARG B 214 -19.65 -5.89 16.65
C ARG B 214 -21.09 -5.48 16.22
N LYS B 215 -21.23 -4.78 15.10
CA LYS B 215 -22.58 -4.38 14.61
C LYS B 215 -23.38 -5.60 14.13
N ASN B 216 -22.74 -6.51 13.40
CA ASN B 216 -23.45 -7.68 12.81
C ASN B 216 -23.63 -8.82 13.81
N ALA B 217 -22.83 -8.87 14.87
CA ALA B 217 -22.86 -10.01 15.82
C ALA B 217 -22.81 -9.48 17.25
N PRO B 218 -23.80 -8.69 17.67
CA PRO B 218 -23.69 -8.00 18.98
C PRO B 218 -23.63 -8.94 20.19
N LYS B 219 -24.19 -10.15 20.11
CA LYS B 219 -24.15 -11.10 21.24
C LYS B 219 -22.90 -11.96 21.28
N SER B 220 -21.97 -11.85 20.31
CA SER B 220 -20.81 -12.74 20.30
C SER B 220 -19.62 -12.05 20.99
N GLN B 221 -18.54 -12.80 21.30
CA GLN B 221 -17.26 -12.19 21.68
C GLN B 221 -16.38 -12.06 20.45
N VAL B 222 -15.55 -11.01 20.41
CA VAL B 222 -14.64 -10.81 19.28
C VAL B 222 -13.23 -10.54 19.78
N GLY B 223 -12.24 -11.13 19.12
CA GLY B 223 -10.86 -11.00 19.53
C GLY B 223 -9.92 -11.35 18.38
N ILE B 224 -8.67 -11.71 18.74
CA ILE B 224 -7.63 -12.11 17.80
C ILE B 224 -6.79 -13.19 18.48
N VAL B 225 -6.12 -14.00 17.67
CA VAL B 225 -5.33 -15.13 18.18
C VAL B 225 -3.85 -14.89 17.85
N LEU B 226 -2.98 -14.91 18.87
CA LEU B 226 -1.54 -14.74 18.70
C LEU B 226 -0.77 -15.99 19.10
N ASN B 227 0.32 -16.32 18.39
CA ASN B 227 1.20 -17.38 18.90
C ASN B 227 2.36 -16.77 19.66
N MET B 228 2.66 -17.36 20.80
CA MET B 228 3.85 -16.91 21.51
C MET B 228 4.50 -18.08 22.16
N ASN B 229 5.79 -18.22 21.92
CA ASN B 229 6.57 -19.18 22.66
C ASN B 229 7.47 -18.44 23.65
N ARG B 230 7.96 -19.17 24.64
CA ARG B 230 8.79 -18.59 25.70
C ARG B 230 10.25 -18.52 25.24
N SER B 231 10.90 -17.36 25.35
CA SER B 231 12.32 -17.20 24.98
C SER B 231 13.21 -17.19 26.21
N TYR B 232 14.36 -17.89 26.12
CA TYR B 232 15.41 -17.92 27.14
C TYR B 232 16.75 -17.46 26.58
N ALA B 233 17.62 -16.98 27.48
CA ALA B 233 19.02 -16.73 27.16
C ALA B 233 19.83 -18.03 27.23
N ALA B 234 20.76 -18.21 26.29
CA ALA B 234 21.58 -19.42 26.26
C ALA B 234 22.49 -19.58 27.49
N SER B 235 22.82 -18.48 28.18
CA SER B 235 23.70 -18.48 29.36
C SER B 235 23.37 -17.25 30.19
N GLU B 236 24.13 -17.05 31.28
CA GLU B 236 24.01 -15.86 32.12
C GLU B 236 24.70 -14.63 31.54
N LYS B 237 25.60 -14.80 30.57
CA LYS B 237 26.30 -13.68 29.93
C LYS B 237 25.32 -12.60 29.48
N ALA B 238 25.73 -11.33 29.64
CA ALA B 238 24.91 -10.20 29.23
C ALA B 238 24.57 -10.23 27.73
N GLU B 239 25.52 -10.65 26.88
CA GLU B 239 25.23 -10.63 25.42
C GLU B 239 24.13 -11.64 25.07
N ASP B 240 24.02 -12.72 25.87
CA ASP B 240 22.94 -13.68 25.68
C ASP B 240 21.61 -13.17 26.25
N GLN B 241 21.61 -12.40 27.37
CA GLN B 241 20.38 -11.70 27.78
C GLN B 241 19.89 -10.76 26.69
N PHE B 242 20.80 -10.06 26.02
CA PHE B 242 20.42 -9.19 24.89
C PHE B 242 19.80 -9.99 23.73
N ALA B 243 20.43 -11.11 23.31
CA ALA B 243 19.86 -11.95 22.25
C ALA B 243 18.44 -12.37 22.60
N CYS B 244 18.24 -12.83 23.83
CA CYS B 244 16.90 -13.24 24.29
C CYS B 244 15.89 -12.08 24.20
N LEU B 245 16.29 -10.90 24.70
CA LEU B 245 15.39 -9.74 24.68
C LEU B 245 15.01 -9.37 23.25
N MET B 246 15.96 -9.46 22.31
CA MET B 246 15.65 -9.09 20.93
C MET B 246 14.74 -10.11 20.26
N ARG B 247 14.95 -11.41 20.53
CA ARG B 247 14.05 -12.45 20.03
C ARG B 247 12.62 -12.20 20.51
N GLU B 248 12.47 -11.91 21.81
CA GLU B 248 11.12 -11.76 22.37
C GLU B 248 10.44 -10.48 21.88
N THR B 249 11.23 -9.42 21.66
CA THR B 249 10.68 -8.18 21.09
C THR B 249 10.22 -8.38 19.65
N LEU B 250 11.03 -9.06 18.83
CA LEU B 250 10.65 -9.21 17.41
C LEU B 250 9.58 -10.27 17.16
N ASP B 251 9.48 -11.32 18.02
CA ASP B 251 8.48 -12.39 17.84
C ASP B 251 7.15 -12.09 18.54
N ASN B 252 7.19 -11.57 19.78
CA ASN B 252 6.00 -11.45 20.64
C ASN B 252 5.54 -10.01 20.85
N GLN B 253 6.41 -9.14 21.39
CA GLN B 253 6.04 -7.77 21.72
C GLN B 253 5.58 -6.97 20.50
N PHE B 254 6.16 -7.27 19.33
CA PHE B 254 5.82 -6.56 18.08
C PHE B 254 4.32 -6.65 17.77
N PHE B 255 3.65 -7.71 18.24
CA PHE B 255 2.21 -7.88 17.94
C PHE B 255 1.30 -7.51 19.14
N ILE B 256 1.67 -7.86 20.38
CA ILE B 256 0.79 -7.51 21.52
C ILE B 256 0.91 -6.02 21.88
N GLU B 257 2.08 -5.38 21.70
CA GLU B 257 2.13 -3.97 22.09
C GLU B 257 1.26 -3.06 21.22
N PRO B 258 1.23 -3.18 19.89
CA PRO B 258 0.31 -2.30 19.12
C PRO B 258 -1.16 -2.49 19.52
N LEU B 259 -1.58 -3.74 19.85
CA LEU B 259 -2.99 -4.00 20.19
C LEU B 259 -3.38 -3.36 21.51
N MET B 260 -2.50 -3.45 22.52
CA MET B 260 -2.76 -3.08 23.90
C MET B 260 -2.39 -1.61 24.17
N LYS B 261 -1.42 -1.07 23.45
CA LYS B 261 -0.91 0.27 23.77
C LYS B 261 -0.89 1.25 22.60
N GLY B 262 -1.21 0.84 21.38
CA GLY B 262 -1.15 1.78 20.27
C GLY B 262 0.24 2.20 19.82
N GLN B 263 1.26 1.37 20.05
CA GLN B 263 2.62 1.65 19.56
C GLN B 263 3.38 0.35 19.34
N TYR B 264 4.36 0.39 18.40
CA TYR B 264 5.30 -0.70 18.20
C TYR B 264 6.48 -0.56 19.19
N PRO B 265 7.29 -1.61 19.37
CA PRO B 265 8.37 -1.55 20.39
C PRO B 265 9.36 -0.41 20.16
N GLN B 266 9.46 0.46 21.16
CA GLN B 266 10.20 1.71 20.98
C GLN B 266 11.71 1.49 20.91
N LEU B 267 12.22 0.42 21.53
CA LEU B 267 13.67 0.19 21.48
C LEU B 267 14.16 -0.06 20.06
N LEU B 268 13.30 -0.53 19.17
CA LEU B 268 13.74 -0.75 17.80
C LEU B 268 14.21 0.55 17.14
N LYS B 269 13.76 1.70 17.64
CA LYS B 269 14.20 2.94 17.00
C LYS B 269 15.71 3.10 17.06
N THR B 270 16.34 2.65 18.16
CA THR B 270 17.80 2.79 18.20
C THR B 270 18.52 1.50 17.87
N VAL B 271 17.97 0.33 18.22
CA VAL B 271 18.67 -0.94 17.99
C VAL B 271 18.65 -1.35 16.53
N ALA B 272 17.49 -1.28 15.87
CA ALA B 272 17.27 -1.87 14.53
C ALA B 272 16.06 -1.21 13.86
N PRO B 273 16.20 0.05 13.42
CA PRO B 273 15.05 0.77 12.88
C PRO B 273 14.49 0.19 11.58
N GLN B 274 15.21 -0.71 10.88
CA GLN B 274 14.64 -1.32 9.70
C GLN B 274 13.52 -2.30 9.99
N TYR B 275 13.27 -2.66 11.26
CA TYR B 275 12.14 -3.53 11.59
C TYR B 275 10.87 -2.75 11.89
N LEU B 276 10.88 -1.42 11.76
CA LEU B 276 9.65 -0.67 12.04
C LEU B 276 8.84 -0.37 10.76
N PRO B 277 7.52 -0.43 10.82
CA PRO B 277 6.72 -0.22 9.60
C PRO B 277 6.48 1.26 9.36
N THR B 278 6.00 1.57 8.13
CA THR B 278 5.51 2.91 7.81
C THR B 278 4.06 3.05 8.29
N VAL B 279 3.82 3.99 9.20
CA VAL B 279 2.54 4.09 9.93
C VAL B 279 1.86 5.40 9.56
N LEU B 280 0.62 5.32 9.06
CA LEU B 280 -0.12 6.53 8.65
C LEU B 280 -0.85 7.16 9.84
N PRO B 281 -1.12 8.47 9.80
CA PRO B 281 -1.86 9.13 10.89
C PRO B 281 -3.20 8.47 11.10
N GLY B 282 -3.51 8.16 12.37
CA GLY B 282 -4.74 7.48 12.72
C GLY B 282 -4.67 5.96 12.78
N ASP B 283 -3.67 5.31 12.16
CA ASP B 283 -3.66 3.84 12.09
C ASP B 283 -3.62 3.21 13.49
N MET B 284 -2.85 3.79 14.44
CA MET B 284 -2.74 3.13 15.76
C MET B 284 -4.03 3.24 16.56
N ASP B 285 -4.81 4.31 16.37
CA ASP B 285 -6.15 4.38 16.99
C ASP B 285 -7.08 3.27 16.46
N ILE B 286 -6.97 2.92 15.17
CA ILE B 286 -7.75 1.81 14.61
C ILE B 286 -7.26 0.46 15.16
N ILE B 287 -5.93 0.26 15.23
CA ILE B 287 -5.39 -1.05 15.64
C ILE B 287 -5.68 -1.37 17.12
N SER B 288 -5.67 -0.35 17.99
CA SER B 288 -5.71 -0.60 19.44
C SER B 288 -7.11 -0.47 20.06
N GLN B 289 -8.17 -0.64 19.25
CA GLN B 289 -9.53 -0.64 19.79
C GLN B 289 -9.71 -1.84 20.74
N PRO B 290 -10.65 -1.76 21.70
CA PRO B 290 -10.83 -2.86 22.67
C PRO B 290 -11.25 -4.19 22.02
N ILE B 291 -10.69 -5.30 22.55
CA ILE B 291 -11.08 -6.66 22.19
C ILE B 291 -11.63 -7.38 23.43
N ASP B 292 -12.52 -8.35 23.19
CA ASP B 292 -13.22 -9.06 24.29
C ASP B 292 -12.37 -10.19 24.88
N PHE B 293 -11.49 -10.79 24.08
CA PHE B 293 -10.63 -11.88 24.50
C PHE B 293 -9.35 -11.87 23.68
N LEU B 294 -8.31 -12.47 24.24
CA LEU B 294 -7.06 -12.73 23.52
C LEU B 294 -6.85 -14.26 23.39
N GLY B 295 -6.69 -14.74 22.18
CA GLY B 295 -6.32 -16.14 21.96
C GLY B 295 -4.80 -16.33 22.00
N MET B 296 -4.38 -17.35 22.73
CA MET B 296 -2.97 -17.69 22.87
C MET B 296 -2.72 -19.09 22.34
N ASN B 297 -1.82 -19.19 21.35
CA ASN B 297 -1.33 -20.48 20.86
C ASN B 297 0.07 -20.68 21.43
N PHE B 298 0.29 -21.73 22.23
CA PHE B 298 1.60 -22.00 22.81
C PHE B 298 1.99 -23.45 22.54
N TYR B 299 3.27 -23.67 22.17
CA TYR B 299 3.79 -25.01 21.91
C TYR B 299 5.10 -25.33 22.62
N THR B 300 6.01 -24.37 22.74
CA THR B 300 7.39 -24.72 23.12
C THR B 300 8.16 -23.48 23.60
N CYS B 301 9.46 -23.64 23.88
CA CYS B 301 10.35 -22.53 24.20
C CYS B 301 11.50 -22.48 23.19
N ASN B 302 12.27 -21.39 23.18
CA ASN B 302 13.52 -21.35 22.41
C ASN B 302 14.63 -20.74 23.27
N HIS B 303 15.88 -20.95 22.85
CA HIS B 303 17.10 -20.51 23.53
C HIS B 303 17.96 -19.70 22.57
N ASN B 304 18.54 -18.60 23.05
CA ASN B 304 19.12 -17.60 22.15
C ASN B 304 20.53 -17.18 22.57
N ALA B 305 21.49 -17.29 21.63
CA ALA B 305 22.86 -16.83 21.85
C ALA B 305 23.16 -15.56 21.04
N TYR B 306 24.08 -14.73 21.54
CA TYR B 306 24.48 -13.52 20.81
C TYR B 306 24.97 -13.86 19.39
N ASP B 307 24.62 -13.02 18.40
CA ASP B 307 25.14 -13.16 17.03
C ASP B 307 25.51 -11.79 16.48
N ALA B 308 26.72 -11.64 15.97
CA ALA B 308 27.12 -10.30 15.54
C ALA B 308 26.31 -9.79 14.32
N ASP B 309 25.91 -10.68 13.40
CA ASP B 309 25.18 -10.20 12.22
C ASP B 309 23.67 -10.11 12.42
N ASP B 310 23.07 -11.01 13.18
CA ASP B 310 21.63 -11.13 13.31
C ASP B 310 21.12 -10.78 14.71
N MET B 311 22.01 -10.34 15.61
CA MET B 311 21.64 -10.06 17.01
C MET B 311 21.43 -11.34 17.83
N PHE B 312 20.61 -12.28 17.36
CA PHE B 312 20.41 -13.54 18.07
C PHE B 312 20.56 -14.72 17.11
N LYS B 313 20.91 -15.88 17.65
CA LYS B 313 20.93 -17.15 16.94
C LYS B 313 20.18 -18.19 17.76
N ASN B 314 19.25 -18.90 17.11
CA ASN B 314 18.48 -19.96 17.73
C ASN B 314 19.36 -21.18 18.04
N VAL B 315 19.44 -21.64 19.32
CA VAL B 315 20.34 -22.74 19.70
C VAL B 315 19.58 -23.78 20.54
N LYS B 316 20.13 -25.00 20.64
CA LYS B 316 19.49 -26.03 21.45
C LYS B 316 19.76 -25.82 22.94
N ASN B 317 18.80 -26.21 23.77
CA ASN B 317 19.04 -26.23 25.21
C ASN B 317 20.33 -26.98 25.52
N SER B 318 21.19 -26.41 26.38
CA SER B 318 22.43 -27.11 26.72
C SER B 318 22.19 -28.26 27.69
N GLN B 319 21.04 -28.30 28.34
CA GLN B 319 20.68 -29.45 29.17
C GLN B 319 19.85 -30.47 28.37
N THR B 320 19.89 -31.73 28.82
CA THR B 320 19.22 -32.83 28.12
C THR B 320 17.72 -32.76 28.37
N VAL B 321 16.92 -32.68 27.30
CA VAL B 321 15.47 -32.52 27.37
C VAL B 321 14.80 -33.39 26.28
N GLU B 322 13.48 -33.52 26.36
CA GLU B 322 12.70 -34.28 25.37
C GLU B 322 12.20 -33.35 24.25
N TYR B 323 12.15 -33.88 23.01
CA TYR B 323 11.66 -33.16 21.81
C TYR B 323 10.50 -33.93 21.15
N THR B 324 9.53 -33.20 20.59
CA THR B 324 8.49 -33.81 19.74
C THR B 324 9.08 -34.17 18.36
N ASP B 325 8.25 -34.81 17.50
CA ASP B 325 8.74 -35.29 16.20
C ASP B 325 9.05 -34.15 15.22
N ILE B 326 8.52 -32.95 15.44
CA ILE B 326 8.85 -31.77 14.60
C ILE B 326 10.08 -31.03 15.13
N GLY B 327 10.65 -31.49 16.23
CA GLY B 327 11.85 -30.89 16.78
C GLY B 327 11.66 -29.84 17.85
N TRP B 328 10.51 -29.78 18.53
CA TRP B 328 10.25 -28.73 19.52
C TRP B 328 10.40 -29.26 20.96
N GLU B 329 11.11 -28.51 21.81
CA GLU B 329 11.28 -28.92 23.21
C GLU B 329 9.94 -29.05 23.95
N ILE B 330 9.80 -30.10 24.77
CA ILE B 330 8.62 -30.26 25.65
C ILE B 330 8.96 -29.54 26.96
N ALA B 331 8.23 -28.44 27.25
CA ALA B 331 8.58 -27.55 28.37
C ALA B 331 7.32 -26.92 29.00
N PRO B 332 6.53 -27.72 29.74
CA PRO B 332 5.30 -27.15 30.35
C PRO B 332 5.54 -26.01 31.38
N GLN B 333 6.65 -26.06 32.14
CA GLN B 333 6.94 -24.98 33.07
C GLN B 333 7.06 -23.63 32.32
N ALA B 334 7.60 -23.67 31.10
CA ALA B 334 7.71 -22.44 30.31
C ALA B 334 6.34 -21.86 29.94
N PHE B 335 5.32 -22.72 29.77
CA PHE B 335 3.96 -22.25 29.50
C PHE B 335 3.46 -21.40 30.66
N THR B 336 3.62 -21.92 31.89
CA THR B 336 3.18 -21.16 33.07
C THR B 336 3.91 -19.82 33.15
N GLU B 337 5.24 -19.84 32.96
CA GLU B 337 6.01 -18.60 33.02
C GLU B 337 5.53 -17.56 32.00
N LEU B 338 5.32 -17.99 30.75
CA LEU B 338 4.90 -17.07 29.69
C LEU B 338 3.61 -16.36 30.07
N LEU B 339 2.65 -17.13 30.58
CA LEU B 339 1.32 -16.60 30.90
C LEU B 339 1.41 -15.59 32.07
N VAL B 340 2.11 -15.98 33.14
CA VAL B 340 2.23 -15.08 34.29
C VAL B 340 2.99 -13.80 33.92
N ASN B 341 4.06 -13.93 33.13
CA ASN B 341 4.85 -12.74 32.76
C ASN B 341 4.02 -11.77 31.90
N LEU B 342 3.24 -12.30 30.95
CA LEU B 342 2.43 -11.40 30.11
C LEU B 342 1.32 -10.73 30.94
N HIS B 343 0.75 -11.49 31.89
CA HIS B 343 -0.20 -10.94 32.85
C HIS B 343 0.42 -9.79 33.65
N LYS B 344 1.71 -9.91 34.02
CA LYS B 344 2.33 -8.83 34.76
C LYS B 344 2.65 -7.63 33.88
N GLN B 345 2.79 -7.82 32.56
CA GLN B 345 3.23 -6.69 31.73
C GLN B 345 2.13 -5.80 31.20
N TYR B 346 0.94 -6.36 31.02
CA TYR B 346 -0.16 -5.69 30.34
C TYR B 346 -1.44 -5.91 31.16
N THR B 347 -2.42 -5.02 30.98
CA THR B 347 -3.78 -5.22 31.48
C THR B 347 -4.54 -5.98 30.41
N LEU B 348 -4.66 -7.31 30.57
CA LEU B 348 -5.11 -8.15 29.48
C LEU B 348 -6.62 -8.35 29.53
N PRO B 349 -7.25 -8.61 28.40
CA PRO B 349 -8.60 -9.20 28.42
C PRO B 349 -8.53 -10.65 28.84
N PRO B 350 -9.67 -11.30 29.11
CA PRO B 350 -9.63 -12.76 29.35
C PRO B 350 -8.90 -13.49 28.23
N ILE B 351 -8.23 -14.59 28.59
CA ILE B 351 -7.43 -15.41 27.65
C ILE B 351 -8.18 -16.72 27.39
N TYR B 352 -8.15 -17.16 26.13
CA TYR B 352 -8.43 -18.56 25.79
C TYR B 352 -7.19 -19.18 25.16
N ILE B 353 -6.82 -20.40 25.60
CA ILE B 353 -5.78 -21.15 24.92
C ILE B 353 -6.42 -21.73 23.66
N THR B 354 -6.15 -21.09 22.49
CA THR B 354 -6.81 -21.49 21.25
C THR B 354 -6.03 -22.57 20.47
N GLU B 355 -4.77 -22.90 20.84
CA GLU B 355 -4.06 -24.07 20.32
C GLU B 355 -3.00 -24.48 21.32
N ASN B 356 -2.90 -25.80 21.56
CA ASN B 356 -1.79 -26.42 22.29
C ASN B 356 -1.77 -27.90 21.91
N GLY B 357 -0.60 -28.47 21.59
CA GLY B 357 -0.53 -29.84 21.13
C GLY B 357 0.87 -30.26 20.71
N ALA B 358 0.98 -31.49 20.16
CA ALA B 358 2.27 -32.12 19.87
C ALA B 358 2.25 -32.94 18.59
N ALA B 359 3.34 -32.88 17.80
CA ALA B 359 3.57 -33.77 16.67
C ALA B 359 4.35 -35.01 17.16
N CYS B 360 3.87 -36.20 16.81
CA CYS B 360 4.47 -37.48 17.22
C CYS B 360 4.57 -38.42 16.03
N ALA B 361 5.51 -39.38 16.13
CA ALA B 361 5.73 -40.39 15.07
C ALA B 361 4.69 -41.52 15.17
N ASP B 362 3.44 -41.17 14.90
CA ASP B 362 2.31 -42.08 15.18
C ASP B 362 2.24 -43.22 14.18
N GLN B 363 1.96 -44.42 14.68
CA GLN B 363 1.78 -45.61 13.86
C GLN B 363 0.54 -46.36 14.32
N ILE B 364 -0.20 -46.93 13.39
CA ILE B 364 -1.38 -47.71 13.75
C ILE B 364 -0.98 -49.19 13.84
N ILE B 365 -1.10 -49.75 15.05
CA ILE B 365 -0.65 -51.10 15.35
C ILE B 365 -1.78 -51.79 16.11
N ASP B 366 -2.29 -52.90 15.54
CA ASP B 366 -3.36 -53.67 16.16
C ASP B 366 -4.64 -52.85 16.28
N GLY B 367 -4.89 -51.97 15.31
CA GLY B 367 -6.09 -51.17 15.33
C GLY B 367 -6.04 -49.98 16.26
N GLU B 368 -4.90 -49.69 16.91
CA GLU B 368 -4.81 -48.59 17.85
C GLU B 368 -3.55 -47.76 17.61
N ILE B 369 -3.53 -46.57 18.22
CA ILE B 369 -2.39 -45.65 18.19
C ILE B 369 -2.01 -45.37 19.64
N ASN B 370 -0.88 -45.93 20.09
CA ASN B 370 -0.48 -45.79 21.50
C ASN B 370 0.44 -44.58 21.64
N ASP B 371 -0.14 -43.37 21.60
CA ASP B 371 0.69 -42.14 21.52
C ASP B 371 1.00 -41.60 22.93
N GLU B 372 1.79 -42.38 23.66
CA GLU B 372 2.07 -42.05 25.06
C GLU B 372 2.80 -40.69 25.20
N GLN B 373 3.67 -40.31 24.24
CA GLN B 373 4.29 -38.98 24.32
C GLN B 373 3.24 -37.87 24.33
N ARG B 374 2.20 -38.00 23.50
CA ARG B 374 1.19 -36.95 23.43
C ARG B 374 0.34 -36.95 24.70
N VAL B 375 0.06 -38.13 25.25
CA VAL B 375 -0.65 -38.15 26.54
C VAL B 375 0.15 -37.36 27.59
N ARG B 376 1.46 -37.59 27.69
CA ARG B 376 2.23 -36.86 28.69
C ARG B 376 2.28 -35.37 28.38
N TYR B 377 2.43 -35.00 27.10
CA TYR B 377 2.44 -33.57 26.74
C TYR B 377 1.15 -32.88 27.19
N LEU B 378 0.00 -33.46 26.84
CA LEU B 378 -1.27 -32.84 27.18
C LEU B 378 -1.45 -32.75 28.69
N ASP B 379 -1.15 -33.83 29.43
CA ASP B 379 -1.27 -33.78 30.90
C ASP B 379 -0.42 -32.65 31.50
N GLY B 380 0.84 -32.55 31.06
CA GLY B 380 1.74 -31.51 31.57
C GLY B 380 1.24 -30.10 31.27
N HIS B 381 0.74 -29.86 30.04
CA HIS B 381 0.39 -28.50 29.64
C HIS B 381 -0.98 -28.06 30.16
N ILE B 382 -1.93 -28.99 30.30
CA ILE B 382 -3.20 -28.66 30.94
C ILE B 382 -2.97 -28.33 32.44
N ASN B 383 -2.13 -29.10 33.14
CA ASN B 383 -1.79 -28.68 34.51
C ASN B 383 -0.99 -27.35 34.54
N ALA B 384 -0.16 -27.07 33.52
CA ALA B 384 0.56 -25.79 33.50
C ALA B 384 -0.40 -24.60 33.43
N VAL B 385 -1.50 -24.77 32.69
CA VAL B 385 -2.54 -23.73 32.63
C VAL B 385 -3.24 -23.59 33.99
N ASN B 386 -3.57 -24.71 34.63
CA ASN B 386 -4.12 -24.61 35.99
C ASN B 386 -3.20 -23.82 36.92
N HIS B 387 -1.88 -24.05 36.83
CA HIS B 387 -0.94 -23.34 37.71
C HIS B 387 -0.96 -21.83 37.43
N ALA B 388 -1.04 -21.44 36.15
CA ALA B 388 -1.18 -20.01 35.84
C ALA B 388 -2.50 -19.42 36.39
N ILE B 389 -3.62 -20.16 36.29
CA ILE B 389 -4.90 -19.70 36.89
C ILE B 389 -4.78 -19.52 38.41
N GLU B 390 -4.11 -20.47 39.08
CA GLU B 390 -3.93 -20.31 40.53
C GLU B 390 -3.01 -19.14 40.88
N SER B 391 -2.21 -18.67 39.93
CA SER B 391 -1.36 -17.50 40.08
C SER B 391 -2.08 -16.20 39.75
N GLY B 392 -3.34 -16.27 39.36
CA GLY B 392 -4.17 -15.11 39.11
C GLY B 392 -4.43 -14.75 37.65
N VAL B 393 -4.04 -15.59 36.69
CA VAL B 393 -4.23 -15.23 35.28
C VAL B 393 -5.64 -15.64 34.89
N ASP B 394 -6.38 -14.73 34.25
CA ASP B 394 -7.79 -14.98 33.87
C ASP B 394 -7.83 -15.73 32.54
N ILE B 395 -7.95 -17.04 32.63
CA ILE B 395 -7.95 -17.94 31.47
C ILE B 395 -9.28 -18.71 31.51
N ARG B 396 -10.02 -18.76 30.38
CA ARG B 396 -11.40 -19.28 30.40
C ARG B 396 -11.70 -20.48 29.47
N GLY B 397 -10.70 -21.02 28.78
CA GLY B 397 -10.93 -22.19 27.95
C GLY B 397 -9.62 -22.73 27.43
N TYR B 398 -9.67 -23.98 26.94
CA TYR B 398 -8.48 -24.70 26.43
C TYR B 398 -8.88 -25.56 25.23
N PHE B 399 -8.19 -25.38 24.07
CA PHE B 399 -8.50 -26.09 22.82
C PHE B 399 -7.25 -26.88 22.41
N ALA B 400 -7.39 -28.20 22.30
CA ALA B 400 -6.30 -29.04 21.81
C ALA B 400 -6.12 -28.90 20.29
N TRP B 401 -4.87 -28.71 19.85
CA TRP B 401 -4.53 -28.82 18.42
C TRP B 401 -3.96 -30.22 18.22
N SER B 402 -4.63 -31.06 17.41
CA SER B 402 -5.81 -30.81 16.57
C SER B 402 -6.85 -31.93 16.75
N LEU B 403 -8.09 -31.67 16.35
CA LEU B 403 -9.10 -32.73 16.19
C LEU B 403 -8.56 -33.98 15.47
N MET B 404 -7.81 -33.81 14.36
CA MET B 404 -7.32 -34.95 13.60
C MET B 404 -6.02 -34.56 12.86
N ASP B 405 -5.26 -35.56 12.45
CA ASP B 405 -4.09 -35.36 11.59
C ASP B 405 -4.49 -34.56 10.35
N ASN B 406 -3.59 -33.71 9.84
CA ASN B 406 -3.99 -32.85 8.70
C ASN B 406 -2.74 -32.32 7.97
N PHE B 407 -2.95 -31.41 7.01
CA PHE B 407 -1.87 -30.83 6.23
C PHE B 407 -1.16 -29.77 7.07
N GLU B 408 0.08 -30.08 7.50
CA GLU B 408 0.87 -29.20 8.39
C GLU B 408 1.81 -28.27 7.62
N TRP B 409 1.20 -27.47 6.72
CA TRP B 409 1.85 -26.30 6.06
C TRP B 409 3.12 -26.74 5.34
N ALA B 410 4.28 -26.12 5.60
CA ALA B 410 5.45 -26.48 4.79
C ALA B 410 5.99 -27.90 5.09
N GLU B 411 5.60 -28.50 6.23
CA GLU B 411 5.89 -29.92 6.51
C GLU B 411 5.00 -30.92 5.76
N GLY B 412 3.96 -30.43 5.06
CA GLY B 412 3.06 -31.37 4.38
C GLY B 412 2.37 -32.31 5.36
N TYR B 413 2.16 -33.54 4.93
CA TYR B 413 1.51 -34.47 5.85
C TYR B 413 2.50 -35.18 6.80
N SER B 414 3.80 -34.85 6.74
CA SER B 414 4.80 -35.64 7.47
C SER B 414 4.75 -35.43 8.98
N LYS B 415 3.97 -34.47 9.48
CA LYS B 415 3.89 -34.17 10.91
C LYS B 415 2.44 -34.32 11.36
N ARG B 416 2.21 -35.26 12.28
CA ARG B 416 0.87 -35.63 12.72
C ARG B 416 0.59 -35.03 14.09
N PHE B 417 -0.43 -34.15 14.18
CA PHE B 417 -0.80 -33.47 15.45
C PHE B 417 -2.14 -33.92 16.05
N GLY B 418 -2.85 -34.85 15.41
CA GLY B 418 -4.25 -35.09 15.81
C GLY B 418 -4.39 -35.85 17.12
N LEU B 419 -5.53 -35.63 17.79
CA LEU B 419 -5.98 -36.61 18.78
C LEU B 419 -6.65 -37.82 18.10
N THR B 420 -6.88 -37.72 16.79
CA THR B 420 -7.46 -38.75 15.95
C THR B 420 -6.53 -39.01 14.77
N TYR B 421 -6.25 -40.27 14.46
CA TYR B 421 -5.40 -40.64 13.32
C TYR B 421 -6.20 -40.67 12.00
N VAL B 422 -5.60 -40.22 10.89
CA VAL B 422 -6.22 -40.28 9.56
C VAL B 422 -5.34 -41.10 8.61
N ASP B 423 -5.90 -42.15 8.04
CA ASP B 423 -5.29 -42.86 6.90
C ASP B 423 -5.66 -42.09 5.65
N TYR B 424 -4.69 -41.42 5.02
CA TYR B 424 -5.06 -40.51 3.92
C TYR B 424 -5.52 -41.25 2.66
N GLN B 425 -5.20 -42.52 2.53
CA GLN B 425 -5.61 -43.29 1.35
C GLN B 425 -7.08 -43.74 1.45
N THR B 426 -7.54 -44.15 2.63
CA THR B 426 -8.94 -44.53 2.82
C THR B 426 -9.79 -43.47 3.53
N GLN B 427 -9.17 -42.43 4.10
CA GLN B 427 -9.84 -41.41 4.93
C GLN B 427 -10.43 -41.96 6.24
N GLU B 428 -10.11 -43.20 6.60
CA GLU B 428 -10.61 -43.71 7.88
C GLU B 428 -10.00 -42.91 9.04
N ARG B 429 -10.86 -42.56 10.02
CA ARG B 429 -10.47 -41.89 11.26
C ARG B 429 -10.42 -42.91 12.39
N THR B 430 -9.36 -42.87 13.22
CA THR B 430 -9.22 -43.77 14.37
C THR B 430 -8.81 -42.95 15.60
N ILE B 431 -9.64 -42.93 16.65
CA ILE B 431 -9.28 -42.17 17.85
C ILE B 431 -8.01 -42.77 18.49
N LYS B 432 -7.03 -41.91 18.82
CA LYS B 432 -5.77 -42.34 19.45
C LYS B 432 -5.93 -42.48 20.98
N ARG B 433 -4.92 -43.09 21.63
CA ARG B 433 -4.91 -43.13 23.10
C ARG B 433 -5.12 -41.74 23.73
N SER B 434 -4.50 -40.70 23.18
CA SER B 434 -4.67 -39.37 23.75
C SER B 434 -6.12 -38.86 23.62
N GLY B 435 -6.79 -39.16 22.49
CA GLY B 435 -8.22 -38.81 22.39
C GLY B 435 -9.08 -39.49 23.45
N HIS B 436 -8.82 -40.78 23.71
CA HIS B 436 -9.52 -41.49 24.79
C HIS B 436 -9.23 -40.87 26.17
N ALA B 437 -7.96 -40.47 26.42
CA ALA B 437 -7.61 -39.89 27.71
C ALA B 437 -8.27 -38.53 27.92
N TYR B 438 -8.35 -37.72 26.85
CA TYR B 438 -9.03 -36.42 26.90
C TYR B 438 -10.52 -36.60 27.16
N ARG B 439 -11.15 -37.53 26.45
CA ARG B 439 -12.56 -37.79 26.71
C ARG B 439 -12.79 -38.23 28.15
N THR B 440 -11.90 -39.07 28.70
CA THR B 440 -12.09 -39.52 30.08
C THR B 440 -12.00 -38.35 31.05
N LEU B 441 -10.99 -37.48 30.88
CA LEU B 441 -10.90 -36.25 31.68
C LEU B 441 -12.22 -35.46 31.66
N LEU B 442 -12.79 -35.24 30.44
CA LEU B 442 -14.00 -34.40 30.31
C LEU B 442 -15.26 -35.10 30.84
N ASN B 443 -15.46 -36.40 30.53
CA ASN B 443 -16.68 -37.05 30.96
C ASN B 443 -16.72 -37.29 32.47
N ASN B 444 -15.58 -37.31 33.14
CA ASN B 444 -15.61 -37.48 34.60
C ASN B 444 -15.96 -36.20 35.36
N ARG B 445 -16.17 -35.07 34.68
CA ARG B 445 -16.55 -33.81 35.36
C ARG B 445 -17.89 -33.88 36.13
C1 EDO C . 12.29 -5.30 -10.26
O1 EDO C . 11.69 -5.37 -11.60
C2 EDO C . 11.51 -4.58 -9.14
O2 EDO C . 12.43 -4.53 -8.07
C1 EDO D . 13.86 17.20 -1.33
O1 EDO D . 13.70 16.60 -2.64
C2 EDO D . 13.23 18.60 -1.26
O2 EDO D . 13.85 19.48 -2.22
C1 EDO E . 14.13 28.58 -6.45
O1 EDO E . 13.72 28.81 -5.09
C2 EDO E . 14.43 27.08 -6.71
O2 EDO E . 13.58 26.26 -5.91
C1 EDO F . -12.15 34.09 -7.36
O1 EDO F . -12.88 33.04 -6.70
C2 EDO F . -11.61 33.50 -8.67
O2 EDO F . -12.74 33.28 -9.55
C1 EDO G . -10.28 1.22 -27.90
O1 EDO G . -10.20 2.65 -27.82
C2 EDO G . -11.74 0.80 -27.98
O2 EDO G . -12.29 1.41 -29.15
C1 EDO H . -6.06 13.24 -33.31
O1 EDO H . -5.19 13.60 -34.38
C2 EDO H . -5.77 11.86 -32.77
O2 EDO H . -5.44 10.95 -33.83
C1 EDO I . 16.36 17.95 3.71
O1 EDO I . 16.78 16.96 2.77
C2 EDO I . 15.64 19.05 2.94
O2 EDO I . 14.55 18.46 2.20
C1 EDO J . -8.36 36.53 -4.26
O1 EDO J . -6.97 36.22 -4.58
C2 EDO J . -9.34 36.00 -5.31
O2 EDO J . -9.12 36.57 -6.61
C1 EDO K . 8.42 -1.25 4.51
O1 EDO K . 9.01 -1.11 5.83
C2 EDO K . 7.59 0.00 4.17
O2 EDO K . 6.69 -0.19 3.06
C1 EDO L . 13.52 -3.95 -0.27
O1 EDO L . 13.46 -3.09 0.88
C2 EDO L . 12.76 -3.32 -1.44
O2 EDO L . 12.69 -1.93 -1.21
C1 EDO M . -1.30 28.18 -36.61
O1 EDO M . -1.11 28.61 -37.98
C2 EDO M . -1.69 26.71 -36.55
O2 EDO M . -0.74 25.94 -37.29
C1 EDO N . 4.21 43.48 -14.96
O1 EDO N . 3.09 43.35 -15.86
C2 EDO N . 5.48 42.76 -15.47
O2 EDO N . 6.26 43.59 -16.36
C TRS O . 3.79 24.72 -11.87
C1 TRS O . 3.15 25.98 -12.42
C2 TRS O . 3.44 24.55 -10.40
C3 TRS O . 5.31 24.80 -12.03
N TRS O . 3.28 23.51 -12.62
O1 TRS O . 1.73 25.97 -12.25
O2 TRS O . 3.88 25.65 -9.62
O3 TRS O . 5.96 23.66 -11.50
C1 EDO P . 4.02 0.23 0.60
O1 EDO P . 2.76 0.09 1.30
C2 EDO P . 4.80 -1.09 0.44
O2 EDO P . 4.17 -1.90 -0.56
C1 EDO Q . 0.37 2.22 3.47
O1 EDO Q . 0.00 1.66 4.77
C2 EDO Q . 1.79 2.81 3.28
O2 EDO Q . 2.76 1.74 3.34
C1 EDO R . 4.17 -41.10 20.49
O1 EDO R . 4.25 -41.83 21.73
C2 EDO R . 4.15 -42.09 19.31
O2 EDO R . 2.80 -42.36 18.93
C1 EDO S . 12.23 -12.49 13.93
O1 EDO S . 10.89 -12.19 14.38
C2 EDO S . 12.40 -13.98 13.58
O2 EDO S . 12.41 -14.84 14.75
C1 EDO T . -2.79 -36.91 0.84
O1 EDO T . -2.87 -36.31 -0.48
C2 EDO T . -3.89 -36.30 1.71
O2 EDO T . -5.19 -36.83 1.38
C1 EDO U . 13.01 -26.28 31.55
O1 EDO U . 11.79 -26.90 31.10
C2 EDO U . 12.96 -24.76 31.43
O2 EDO U . 11.69 -24.29 31.88
C1 EDO V . 11.24 -23.44 18.50
O1 EDO V . 12.60 -23.88 18.37
C2 EDO V . 11.25 -21.94 18.24
O2 EDO V . 12.34 -21.72 17.33
C1 EDO W . 21.59 -23.11 27.43
O1 EDO W . 20.87 -24.28 27.83
C2 EDO W . 22.25 -23.26 26.06
O2 EDO W . 21.23 -23.32 25.04
C1 EDO X . -24.70 -18.56 18.76
O1 EDO X . -24.94 -19.41 19.89
C2 EDO X . -25.24 -17.17 19.15
O2 EDO X . -24.53 -16.15 18.44
C1 EDO Y . -9.24 -46.54 19.00
O1 EDO Y . -10.40 -45.73 18.95
C2 EDO Y . -9.64 -48.00 19.15
O2 EDO Y . -9.01 -48.66 18.04
C1 EDO Z . -8.29 -14.98 38.02
O1 EDO Z . -9.33 -14.36 37.25
C2 EDO Z . -8.52 -16.50 38.08
O2 EDO Z . -7.30 -17.13 38.54
C1 EDO AA . -9.74 -22.53 43.19
O1 EDO AA . -9.01 -21.33 43.48
C2 EDO AA . -8.80 -23.74 43.25
O2 EDO AA . -7.92 -23.66 44.39
C TRS BA . 0.56 -23.92 13.98
C1 TRS BA . 0.16 -25.40 14.01
C2 TRS BA . 1.32 -23.63 12.69
C3 TRS BA . 1.42 -23.61 15.20
N TRS BA . -0.67 -23.05 14.03
O1 TRS BA . -0.62 -25.77 12.89
O2 TRS BA . 2.49 -24.44 12.56
O3 TRS BA . 1.85 -22.27 15.23
#